data_1OBC
#
_entry.id   1OBC
#
_cell.length_a   101.896
_cell.length_b   154.810
_cell.length_c   175.118
_cell.angle_alpha   90.00
_cell.angle_beta   90.00
_cell.angle_gamma   90.00
#
_symmetry.space_group_name_H-M   'C 2 2 21'
#
loop_
_entity.id
_entity.type
_entity.pdbx_description
1 polymer 'LEUCYL-TRNA SYNTHETASE'
2 non-polymer LEUCINE
3 non-polymer 'ZINC ION'
4 non-polymer NORVALINE
5 non-polymer "2'-AMINO-2'-DEOXYADENOSINE"
6 non-polymer '[(2R,3S,4R,5R)-5-(6-AMINO-9H-PURIN-9-YL)-3,4-DIHYDROXYTETRAHYDRO-2-FURANYL]METHYL SULFAMATE'
7 water water
#
_entity_poly.entity_id   1
_entity_poly.type   'polypeptide(L)'
_entity_poly.pdbx_seq_one_letter_code
;MEKYNPHAIEAKWQRFWEEKGFMKAKDLPGGRGKQYVLVMFPYPSGDLHMGHLKNYTMGDVLARFRRMQGYEVLHPMGWD
AFGLPAENAALKFGVHPKDWTYANIRQAKESLRLMGILYDWDREVTTCEPEYYRWNQWIFLKMWEKGLAYRAKGLVNWCP
KCQTVLANEQVVEGRCWRHEDTPVEKRELEQWYLRITAYAERLLKDLEGLNWPEKVKAMQRAWIGRSEGAEILFPVEGKE
VRIPVFTTRPDTLFGATFLVLAPEHPLTLELAAPEKREEVLAYVEAAKRKTEIERQAEGREKTGVFLGAYALNPATGERI
PIWTADYVLFGYGTGAIMAVPAHDQRDYEFARKFGLPIKKVIERPGEPLPEPLERAYEEPGIMVNSGPFDGTESEEGKRK
VIAWLEEKGLGKGRVTYRLRDWLISRQRYWGTPIPMVHCEACGVVPVPEEELPVLLPDLKDVEDIRPKGKSPLEAHPEFY
ETTCPKCGGPAKRDTDTMDTFFDSSWYYLRYTDPHNDRLPFDPEKANAWMPVDQYIGGVEHAVLHLLYSRFFTKFLHDLG
MVKVEEPFQGLFTQGMVLAWTDFGPVEVEGSVVRLPEPTRIRLEIPESALSLEDVRKMGAELRPHEDGTLHLWKPAVMSK
SKGNGVMVGPFVKEQGADIARITILFAAPPENEMVWTEEGVQGAWRFLNRIYRRVAEDREALLETSGVFQAEALEGKDRE
LYGKLHETLKKVTEDLEALRFNTAIAALMEFLNALYEYRKDRPVTPVYRTAIRYYLQMLFPFAPHLAEELWHWFWPDSLF
EAGWPELDEKALEKDVVEVAVQVNGRVRGTIHIPKDAPLEVARAEALKVRNVRAHLEGKEVVKEIYVPGKILNLVVRG
;
_entity_poly.pdbx_strand_id   A
#
# COMPACT_ATOMS: atom_id res chain seq x y z
N MET A 1 -16.12 40.30 -27.99
CA MET A 1 -16.70 39.00 -27.49
C MET A 1 -16.09 38.64 -26.14
N GLU A 2 -16.94 38.29 -25.18
CA GLU A 2 -16.48 37.93 -23.85
C GLU A 2 -15.65 36.65 -23.90
N LYS A 3 -14.86 36.42 -22.86
CA LYS A 3 -14.01 35.24 -22.78
C LYS A 3 -14.37 34.35 -21.60
N TYR A 4 -13.81 33.15 -21.61
CA TYR A 4 -14.04 32.17 -20.56
C TYR A 4 -13.71 32.74 -19.17
N ASN A 5 -14.66 32.61 -18.25
CA ASN A 5 -14.48 33.11 -16.88
C ASN A 5 -14.96 32.05 -15.89
N PRO A 6 -14.02 31.33 -15.27
CA PRO A 6 -14.36 30.28 -14.30
C PRO A 6 -14.96 30.70 -12.96
N HIS A 7 -14.76 31.95 -12.60
CA HIS A 7 -15.23 32.47 -11.32
C HIS A 7 -16.60 32.20 -10.73
N ALA A 8 -17.66 32.63 -11.36
CA ALA A 8 -18.95 32.36 -10.73
C ALA A 8 -19.54 31.01 -11.12
N ILE A 9 -19.36 30.65 -12.39
CA ILE A 9 -19.93 29.40 -12.90
C ILE A 9 -19.61 28.13 -12.14
N GLU A 10 -18.39 27.99 -11.63
CA GLU A 10 -18.04 26.74 -10.95
C GLU A 10 -18.84 26.49 -9.68
N ALA A 11 -18.97 27.50 -8.84
CA ALA A 11 -19.73 27.35 -7.60
C ALA A 11 -21.18 27.05 -7.94
N LYS A 12 -21.67 27.67 -9.01
CA LYS A 12 -23.05 27.46 -9.45
C LYS A 12 -23.32 25.99 -9.76
N TRP A 13 -22.51 25.39 -10.64
CA TRP A 13 -22.70 24.00 -11.02
C TRP A 13 -22.41 23.00 -9.91
N GLN A 14 -21.46 23.35 -9.04
CA GLN A 14 -21.13 22.48 -7.92
C GLN A 14 -22.37 22.30 -7.04
N ARG A 15 -23.07 23.39 -6.75
CA ARG A 15 -24.27 23.30 -5.91
C ARG A 15 -25.37 22.54 -6.63
N PHE A 16 -25.51 22.82 -7.92
CA PHE A 16 -26.51 22.16 -8.77
C PHE A 16 -26.37 20.64 -8.75
N TRP A 17 -25.15 20.16 -9.01
CA TRP A 17 -24.92 18.72 -9.03
C TRP A 17 -25.23 18.09 -7.68
N GLU A 18 -24.84 18.77 -6.60
CA GLU A 18 -25.09 18.22 -5.27
C GLU A 18 -26.59 18.13 -4.97
N GLU A 19 -27.32 19.22 -5.20
CA GLU A 19 -28.77 19.27 -4.95
C GLU A 19 -29.51 18.22 -5.76
N LYS A 20 -29.06 17.99 -6.99
CA LYS A 20 -29.68 17.02 -7.87
C LYS A 20 -29.35 15.59 -7.45
N GLY A 21 -28.27 15.44 -6.69
CA GLY A 21 -27.87 14.11 -6.24
C GLY A 21 -27.52 13.14 -7.36
N PHE A 22 -27.00 13.66 -8.47
CA PHE A 22 -26.64 12.81 -9.60
C PHE A 22 -25.70 11.66 -9.23
N MET A 23 -24.80 11.90 -8.28
CA MET A 23 -23.87 10.85 -7.89
C MET A 23 -24.27 10.03 -6.67
N LYS A 24 -25.55 10.08 -6.30
CA LYS A 24 -26.00 9.29 -5.17
C LYS A 24 -26.11 7.85 -5.69
N ALA A 25 -25.68 6.88 -4.88
CA ALA A 25 -25.74 5.49 -5.30
C ALA A 25 -26.89 4.73 -4.64
N LYS A 26 -27.56 3.89 -5.42
CA LYS A 26 -28.69 3.08 -4.93
C LYS A 26 -28.20 2.04 -3.93
N ASP A 27 -29.07 1.66 -3.00
CA ASP A 27 -28.72 0.65 -2.01
C ASP A 27 -28.37 -0.63 -2.74
N LEU A 28 -29.11 -0.93 -3.80
CA LEU A 28 -28.87 -2.13 -4.60
C LEU A 28 -28.93 -1.75 -6.09
N PRO A 29 -27.83 -2.01 -6.82
CA PRO A 29 -27.78 -1.69 -8.25
C PRO A 29 -28.91 -2.36 -9.04
N GLY A 33 -26.35 -2.64 -14.76
CA GLY A 33 -24.92 -2.65 -14.58
C GLY A 33 -24.45 -1.68 -13.50
N LYS A 34 -23.41 -2.06 -12.79
CA LYS A 34 -22.86 -1.22 -11.72
C LYS A 34 -21.37 -1.00 -11.89
N GLN A 35 -20.88 0.10 -11.32
CA GLN A 35 -19.46 0.42 -11.35
C GLN A 35 -19.11 1.00 -9.98
N TYR A 36 -18.17 0.33 -9.31
CA TYR A 36 -17.72 0.76 -8.01
C TYR A 36 -16.34 1.40 -8.25
N VAL A 37 -16.31 2.73 -8.26
CA VAL A 37 -15.08 3.47 -8.49
C VAL A 37 -14.59 3.99 -7.14
N LEU A 38 -13.45 3.48 -6.70
CA LEU A 38 -12.92 3.86 -5.41
C LEU A 38 -11.51 4.46 -5.40
N VAL A 39 -11.33 5.49 -4.58
CA VAL A 39 -10.02 6.11 -4.44
C VAL A 39 -9.67 5.94 -2.96
N MET A 40 -8.39 5.79 -2.65
CA MET A 40 -7.95 5.61 -1.26
C MET A 40 -8.31 6.81 -0.39
N PHE A 41 -9.19 6.61 0.60
CA PHE A 41 -9.56 7.74 1.45
C PHE A 41 -8.34 8.24 2.20
N PRO A 42 -8.25 9.56 2.41
CA PRO A 42 -7.12 10.18 3.09
C PRO A 42 -7.05 10.18 4.60
N TYR A 43 -5.83 10.37 5.08
CA TYR A 43 -5.55 10.51 6.50
C TYR A 43 -5.81 12.01 6.69
N PRO A 44 -6.69 12.38 7.64
CA PRO A 44 -6.97 13.81 7.86
C PRO A 44 -5.87 14.41 8.73
N SER A 45 -4.63 14.29 8.26
CA SER A 45 -3.48 14.80 8.98
C SER A 45 -3.05 16.20 8.56
N GLY A 46 -3.70 16.74 7.52
CA GLY A 46 -3.37 18.07 7.06
C GLY A 46 -4.25 18.50 5.91
N ASP A 47 -3.83 19.57 5.22
CA ASP A 47 -4.58 20.09 4.09
C ASP A 47 -4.28 19.25 2.86
N LEU A 48 -5.25 19.22 1.93
CA LEU A 48 -5.05 18.48 0.69
C LEU A 48 -4.42 19.43 -0.32
N HIS A 49 -3.55 18.89 -1.16
CA HIS A 49 -2.89 19.68 -2.20
C HIS A 49 -3.17 18.99 -3.54
N MET A 50 -2.60 19.53 -4.62
CA MET A 50 -2.85 18.95 -5.94
C MET A 50 -2.40 17.50 -6.09
N GLY A 51 -1.55 17.02 -5.20
CA GLY A 51 -1.12 15.64 -5.29
C GLY A 51 -2.32 14.76 -4.95
N HIS A 52 -2.96 15.04 -3.83
CA HIS A 52 -4.15 14.30 -3.42
C HIS A 52 -5.21 14.45 -4.50
N LEU A 53 -5.34 15.66 -5.02
CA LEU A 53 -6.35 15.94 -6.04
C LEU A 53 -6.12 15.20 -7.36
N LYS A 54 -4.88 14.80 -7.65
CA LYS A 54 -4.68 14.04 -8.88
C LYS A 54 -5.39 12.71 -8.70
N ASN A 55 -5.19 12.09 -7.54
CA ASN A 55 -5.80 10.82 -7.20
C ASN A 55 -7.33 10.94 -7.22
N TYR A 56 -7.84 11.98 -6.57
CA TYR A 56 -9.30 12.16 -6.48
C TYR A 56 -9.96 12.69 -7.74
N THR A 57 -9.24 13.47 -8.54
CA THR A 57 -9.81 13.96 -9.79
C THR A 57 -9.94 12.77 -10.74
N MET A 58 -8.96 11.87 -10.72
CA MET A 58 -8.99 10.69 -11.58
C MET A 58 -10.25 9.85 -11.30
N GLY A 59 -10.56 9.69 -10.01
CA GLY A 59 -11.75 8.94 -9.65
C GLY A 59 -13.01 9.64 -10.11
N ASP A 60 -13.04 10.97 -10.01
CA ASP A 60 -14.22 11.73 -10.43
C ASP A 60 -14.43 11.64 -11.95
N VAL A 61 -13.34 11.67 -12.71
CA VAL A 61 -13.43 11.56 -14.16
C VAL A 61 -14.11 10.25 -14.58
N LEU A 62 -13.66 9.15 -13.99
CA LEU A 62 -14.19 7.81 -14.28
C LEU A 62 -15.64 7.68 -13.81
N ALA A 63 -15.91 8.16 -12.59
CA ALA A 63 -17.26 8.09 -12.03
C ALA A 63 -18.28 8.85 -12.89
N ARG A 64 -17.90 10.04 -13.35
CA ARG A 64 -18.78 10.85 -14.20
C ARG A 64 -19.01 10.13 -15.52
N PHE A 65 -17.94 9.64 -16.12
CA PHE A 65 -18.02 8.91 -17.38
C PHE A 65 -18.95 7.70 -17.25
N ARG A 66 -18.72 6.86 -16.23
CA ARG A 66 -19.55 5.68 -16.02
C ARG A 66 -21.01 6.05 -15.73
N ARG A 67 -21.21 7.13 -14.99
CA ARG A 67 -22.56 7.57 -14.68
C ARG A 67 -23.27 8.02 -15.96
N MET A 68 -22.53 8.71 -16.84
CA MET A 68 -23.11 9.16 -18.10
C MET A 68 -23.50 7.97 -19.00
N GLN A 69 -22.73 6.89 -18.89
CA GLN A 69 -23.01 5.71 -19.69
C GLN A 69 -24.25 4.96 -19.21
N GLY A 70 -24.77 5.33 -18.03
CA GLY A 70 -25.96 4.68 -17.53
C GLY A 70 -25.73 3.68 -16.41
N TYR A 71 -24.49 3.47 -16.00
CA TYR A 71 -24.19 2.54 -14.91
C TYR A 71 -24.61 3.10 -13.56
N GLU A 72 -24.91 2.21 -12.62
CA GLU A 72 -25.25 2.63 -11.27
C GLU A 72 -23.84 2.80 -10.68
N VAL A 73 -23.50 4.00 -10.25
CA VAL A 73 -22.15 4.25 -9.75
C VAL A 73 -22.01 4.52 -8.27
N LEU A 74 -21.05 3.84 -7.66
CA LEU A 74 -20.75 4.02 -6.25
C LEU A 74 -19.36 4.66 -6.24
N HIS A 75 -19.31 5.92 -5.82
CA HIS A 75 -18.08 6.70 -5.76
C HIS A 75 -18.13 7.39 -4.41
N PRO A 76 -17.58 6.73 -3.37
CA PRO A 76 -17.59 7.28 -2.01
C PRO A 76 -16.30 7.91 -1.50
N MET A 77 -16.43 8.70 -0.44
CA MET A 77 -15.31 9.35 0.20
C MET A 77 -15.50 9.20 1.71
N GLY A 78 -14.40 9.13 2.44
CA GLY A 78 -14.49 8.97 3.88
C GLY A 78 -13.19 9.39 4.51
N TRP A 79 -13.06 9.19 5.82
CA TRP A 79 -11.86 9.62 6.51
C TRP A 79 -11.16 8.54 7.33
N ASP A 80 -9.90 8.31 6.99
CA ASP A 80 -9.05 7.34 7.67
C ASP A 80 -8.54 8.16 8.84
N ALA A 81 -9.44 8.40 9.80
CA ALA A 81 -9.15 9.28 10.93
C ALA A 81 -8.59 8.72 12.23
N PHE A 82 -8.34 7.41 12.29
CA PHE A 82 -7.80 6.83 13.51
C PHE A 82 -6.32 6.50 13.35
N GLY A 83 -5.65 6.22 14.46
CA GLY A 83 -4.26 5.84 14.39
C GLY A 83 -3.20 6.92 14.32
N LEU A 84 -2.00 6.47 13.98
CA LEU A 84 -0.81 7.30 13.89
C LEU A 84 -0.84 8.59 13.06
N PRO A 85 -1.26 8.50 11.79
CA PRO A 85 -1.30 9.71 10.96
C PRO A 85 -2.01 10.89 11.63
N ALA A 86 -3.28 10.70 11.99
CA ALA A 86 -4.07 11.74 12.62
C ALA A 86 -3.51 12.19 13.97
N GLU A 87 -3.18 11.25 14.84
CA GLU A 87 -2.68 11.58 16.16
C GLU A 87 -1.29 12.25 16.16
N ASN A 88 -0.35 11.74 15.37
CA ASN A 88 0.98 12.33 15.31
C ASN A 88 0.92 13.79 14.86
N ALA A 89 0.11 14.06 13.84
CA ALA A 89 -0.04 15.41 13.31
C ALA A 89 -0.67 16.32 14.36
N ALA A 90 -1.75 15.85 14.98
CA ALA A 90 -2.43 16.64 16.01
C ALA A 90 -1.49 16.95 17.18
N LEU A 91 -0.70 15.95 17.57
CA LEU A 91 0.22 16.13 18.69
C LEU A 91 1.42 17.01 18.37
N LYS A 92 1.78 17.11 17.09
CA LYS A 92 2.91 17.94 16.72
C LYS A 92 2.57 19.40 16.98
N PHE A 93 1.28 19.73 16.89
CA PHE A 93 0.81 21.09 17.13
C PHE A 93 0.09 21.23 18.46
N GLY A 94 0.38 20.31 19.39
CA GLY A 94 -0.24 20.35 20.70
C GLY A 94 -1.76 20.42 20.70
N VAL A 95 -2.39 19.88 19.67
CA VAL A 95 -3.84 19.90 19.57
C VAL A 95 -4.47 18.53 19.87
N HIS A 96 -5.67 18.54 20.43
CA HIS A 96 -6.36 17.29 20.72
C HIS A 96 -6.70 16.59 19.40
N PRO A 97 -6.44 15.28 19.31
CA PRO A 97 -6.72 14.51 18.08
C PRO A 97 -8.13 14.63 17.51
N LYS A 98 -9.14 14.69 18.37
CA LYS A 98 -10.51 14.81 17.89
C LYS A 98 -10.80 16.17 17.25
N ASP A 99 -10.27 17.22 17.85
CA ASP A 99 -10.48 18.57 17.31
C ASP A 99 -9.75 18.71 15.99
N TRP A 100 -8.51 18.25 15.97
CA TRP A 100 -7.67 18.31 14.79
C TRP A 100 -8.28 17.57 13.61
N THR A 101 -8.70 16.34 13.87
CA THR A 101 -9.28 15.50 12.83
C THR A 101 -10.49 16.13 12.16
N TYR A 102 -11.46 16.54 12.96
CA TYR A 102 -12.67 17.15 12.41
C TYR A 102 -12.44 18.48 11.69
N ALA A 103 -11.44 19.25 12.12
CA ALA A 103 -11.16 20.52 11.45
C ALA A 103 -10.56 20.20 10.08
N ASN A 104 -9.70 19.18 10.03
CA ASN A 104 -9.08 18.76 8.77
C ASN A 104 -10.12 18.16 7.83
N ILE A 105 -11.07 17.44 8.38
CA ILE A 105 -12.12 16.83 7.57
C ILE A 105 -12.92 17.95 6.91
N ARG A 106 -13.22 18.99 7.69
CA ARG A 106 -13.99 20.13 7.17
C ARG A 106 -13.25 20.77 5.99
N GLN A 107 -11.96 20.99 6.16
CA GLN A 107 -11.13 21.59 5.11
C GLN A 107 -11.01 20.69 3.88
N ALA A 108 -10.87 19.38 4.09
CA ALA A 108 -10.74 18.44 3.00
C ALA A 108 -12.00 18.43 2.15
N LYS A 109 -13.16 18.40 2.80
CA LYS A 109 -14.44 18.40 2.11
C LYS A 109 -14.54 19.60 1.19
N GLU A 110 -14.11 20.76 1.68
CA GLU A 110 -14.16 21.97 0.88
C GLU A 110 -13.23 21.85 -0.33
N SER A 111 -12.01 21.35 -0.11
CA SER A 111 -11.05 21.19 -1.19
C SER A 111 -11.61 20.32 -2.31
N LEU A 112 -12.28 19.25 -1.92
CA LEU A 112 -12.88 18.32 -2.88
C LEU A 112 -14.06 18.98 -3.59
N ARG A 113 -14.92 19.66 -2.82
CA ARG A 113 -16.07 20.32 -3.41
C ARG A 113 -15.66 21.41 -4.41
N LEU A 114 -14.64 22.19 -4.05
CA LEU A 114 -14.16 23.27 -4.90
C LEU A 114 -13.55 22.79 -6.22
N MET A 115 -13.17 21.52 -6.28
CA MET A 115 -12.59 20.98 -7.51
C MET A 115 -13.64 20.34 -8.41
N GLY A 116 -14.89 20.39 -7.99
CA GLY A 116 -15.96 19.81 -8.79
C GLY A 116 -16.07 18.30 -8.65
N ILE A 117 -15.45 17.75 -7.62
CA ILE A 117 -15.51 16.31 -7.40
C ILE A 117 -16.82 15.95 -6.69
N LEU A 118 -17.52 14.94 -7.19
CA LEU A 118 -18.79 14.51 -6.62
C LEU A 118 -18.78 13.10 -6.03
N TYR A 119 -19.17 12.97 -4.77
CA TYR A 119 -19.25 11.67 -4.10
C TYR A 119 -20.67 11.49 -3.60
N ASP A 120 -20.97 10.29 -3.11
CA ASP A 120 -22.27 10.02 -2.51
C ASP A 120 -21.98 10.25 -1.04
N TRP A 121 -22.08 11.51 -0.61
CA TRP A 121 -21.78 11.85 0.78
C TRP A 121 -22.67 11.20 1.83
N ASP A 122 -23.73 10.53 1.39
CA ASP A 122 -24.59 9.84 2.34
C ASP A 122 -23.92 8.57 2.84
N ARG A 123 -22.83 8.16 2.17
CA ARG A 123 -22.12 6.95 2.57
C ARG A 123 -20.81 7.25 3.28
N GLU A 124 -20.63 8.51 3.65
CA GLU A 124 -19.41 8.93 4.32
C GLU A 124 -19.14 8.14 5.61
N VAL A 125 -17.88 7.76 5.81
CA VAL A 125 -17.52 7.06 7.04
C VAL A 125 -16.36 7.81 7.70
N THR A 126 -16.33 7.78 9.03
CA THR A 126 -15.30 8.42 9.81
C THR A 126 -14.88 7.34 10.81
N THR A 127 -13.75 6.70 10.53
CA THR A 127 -13.26 5.60 11.34
C THR A 127 -13.05 5.85 12.83
N CYS A 128 -12.83 7.11 13.23
CA CYS A 128 -12.61 7.40 14.63
C CYS A 128 -13.91 7.46 15.44
N GLU A 129 -15.04 7.25 14.78
CA GLU A 129 -16.33 7.28 15.44
C GLU A 129 -16.75 5.88 15.90
N PRO A 130 -17.46 5.80 17.04
CA PRO A 130 -17.93 4.54 17.60
C PRO A 130 -18.80 3.78 16.61
N GLU A 131 -19.59 4.53 15.85
CA GLU A 131 -20.46 3.94 14.85
C GLU A 131 -19.64 3.11 13.86
N TYR A 132 -18.35 3.40 13.76
CA TYR A 132 -17.50 2.64 12.87
C TYR A 132 -16.61 1.63 13.59
N TYR A 133 -15.83 2.09 14.56
CA TYR A 133 -14.92 1.16 15.22
C TYR A 133 -15.56 0.03 16.04
N ARG A 134 -16.86 0.13 16.31
CA ARG A 134 -17.51 -0.94 17.04
C ARG A 134 -17.49 -2.17 16.13
N TRP A 135 -17.43 -1.93 14.83
CA TRP A 135 -17.39 -3.02 13.87
C TRP A 135 -15.97 -3.53 13.68
N ASN A 136 -14.98 -2.71 14.05
CA ASN A 136 -13.58 -3.13 13.99
C ASN A 136 -13.49 -4.18 15.10
N GLN A 137 -14.13 -3.89 16.23
CA GLN A 137 -14.12 -4.78 17.38
C GLN A 137 -14.88 -6.06 17.09
N TRP A 138 -16.00 -5.92 16.37
CA TRP A 138 -16.81 -7.08 16.00
C TRP A 138 -15.94 -8.04 15.17
N ILE A 139 -15.26 -7.49 14.18
CA ILE A 139 -14.40 -8.28 13.31
C ILE A 139 -13.25 -8.91 14.11
N PHE A 140 -12.70 -8.13 15.04
CA PHE A 140 -11.61 -8.63 15.88
C PHE A 140 -12.09 -9.87 16.66
N LEU A 141 -13.30 -9.81 17.21
CA LEU A 141 -13.87 -10.92 17.96
C LEU A 141 -14.02 -12.17 17.08
N LYS A 142 -14.46 -11.99 15.84
CA LYS A 142 -14.62 -13.12 14.92
C LYS A 142 -13.28 -13.78 14.61
N MET A 143 -12.23 -12.97 14.51
CA MET A 143 -10.90 -13.49 14.22
C MET A 143 -10.39 -14.25 15.44
N TRP A 144 -10.73 -13.77 16.63
CA TRP A 144 -10.34 -14.44 17.87
C TRP A 144 -10.98 -15.82 17.90
N GLU A 145 -12.28 -15.85 17.69
CA GLU A 145 -13.05 -17.08 17.69
C GLU A 145 -12.59 -18.07 16.62
N LYS A 146 -12.06 -17.54 15.52
CA LYS A 146 -11.61 -18.38 14.42
C LYS A 146 -10.11 -18.70 14.46
N GLY A 147 -9.48 -18.41 15.59
CA GLY A 147 -8.06 -18.69 15.72
C GLY A 147 -7.13 -17.83 14.89
N LEU A 148 -7.54 -16.59 14.61
CA LEU A 148 -6.71 -15.69 13.80
C LEU A 148 -6.17 -14.49 14.58
N ALA A 149 -6.61 -14.33 15.82
CA ALA A 149 -6.15 -13.22 16.64
C ALA A 149 -5.59 -13.81 17.93
N TYR A 150 -4.33 -13.54 18.22
CA TYR A 150 -3.73 -14.09 19.43
C TYR A 150 -2.72 -13.16 20.07
N ARG A 151 -2.40 -13.44 21.33
CA ARG A 151 -1.41 -12.67 22.09
C ARG A 151 -0.15 -13.51 22.20
N ALA A 152 0.99 -12.87 21.98
CA ALA A 152 2.27 -13.57 22.07
C ALA A 152 3.37 -12.60 22.49
N LYS A 153 4.37 -13.15 23.15
CA LYS A 153 5.51 -12.37 23.60
C LYS A 153 6.65 -12.67 22.64
N GLY A 154 7.41 -11.65 22.27
CA GLY A 154 8.50 -11.85 21.35
C GLY A 154 9.10 -10.52 20.93
N LEU A 155 10.13 -10.57 20.09
CA LEU A 155 10.77 -9.34 19.62
C LEU A 155 9.87 -8.62 18.64
N VAL A 156 9.74 -7.31 18.83
CA VAL A 156 8.90 -6.49 17.96
C VAL A 156 9.62 -5.20 17.56
N ASN A 157 9.15 -4.58 16.49
CA ASN A 157 9.75 -3.33 16.03
C ASN A 157 9.15 -2.19 16.86
N TRP A 158 9.97 -1.21 17.17
CA TRP A 158 9.55 -0.08 17.99
C TRP A 158 10.10 1.24 17.48
N CYS A 159 9.22 2.24 17.35
CA CYS A 159 9.64 3.56 16.91
C CYS A 159 9.72 4.44 18.15
N PRO A 160 10.93 4.94 18.48
CA PRO A 160 11.12 5.79 19.64
C PRO A 160 10.37 7.11 19.57
N LYS A 161 10.11 7.58 18.34
CA LYS A 161 9.37 8.84 18.17
C LYS A 161 7.87 8.64 18.33
N CYS A 162 7.33 7.57 17.75
CA CYS A 162 5.91 7.28 17.87
C CYS A 162 5.60 6.71 19.26
N GLN A 163 6.64 6.17 19.90
CA GLN A 163 6.50 5.57 21.22
C GLN A 163 5.49 4.43 21.18
N THR A 164 5.67 3.52 20.22
CA THR A 164 4.78 2.38 20.07
C THR A 164 5.39 1.33 19.16
N VAL A 165 4.89 0.11 19.23
CA VAL A 165 5.38 -0.96 18.39
C VAL A 165 4.82 -0.73 16.98
N LEU A 166 5.48 -1.32 15.99
CA LEU A 166 5.04 -1.20 14.61
C LEU A 166 4.99 -2.57 13.95
N ALA A 167 4.08 -2.73 13.00
CA ALA A 167 3.98 -3.98 12.27
C ALA A 167 5.19 -4.03 11.33
N ASN A 168 5.54 -5.22 10.86
CA ASN A 168 6.67 -5.39 9.96
C ASN A 168 6.53 -4.54 8.70
N GLU A 169 5.31 -4.45 8.17
CA GLU A 169 5.03 -3.68 6.96
C GLU A 169 5.18 -2.16 7.15
N GLN A 170 5.23 -1.71 8.41
CA GLN A 170 5.36 -0.29 8.71
C GLN A 170 6.82 0.12 8.90
N VAL A 171 7.73 -0.80 8.59
CA VAL A 171 9.15 -0.51 8.70
C VAL A 171 9.65 -0.43 7.26
N VAL A 172 10.06 0.76 6.85
CA VAL A 172 10.55 1.01 5.51
C VAL A 172 12.06 1.25 5.55
N GLU A 173 12.82 0.37 4.90
CA GLU A 173 14.27 0.49 4.90
C GLU A 173 14.78 0.61 6.33
N GLY A 174 14.14 -0.11 7.25
CA GLY A 174 14.54 -0.08 8.65
C GLY A 174 14.13 1.18 9.37
N ARG A 175 13.31 2.00 8.72
CA ARG A 175 12.86 3.25 9.31
C ARG A 175 11.35 3.24 9.52
N CYS A 176 10.88 4.06 10.47
CA CYS A 176 9.44 4.16 10.73
C CYS A 176 8.75 4.72 9.48
N TRP A 177 7.61 4.14 9.13
CA TRP A 177 6.88 4.60 7.95
C TRP A 177 6.45 6.06 8.09
N ARG A 178 6.37 6.55 9.32
CA ARG A 178 5.98 7.92 9.56
C ARG A 178 7.17 8.84 9.83
N HIS A 179 8.26 8.28 10.36
CA HIS A 179 9.46 9.06 10.66
C HIS A 179 10.63 8.47 9.88
N GLU A 180 10.68 8.77 8.59
CA GLU A 180 11.71 8.24 7.70
C GLU A 180 13.14 8.55 8.15
N ASP A 181 13.28 9.41 9.15
CA ASP A 181 14.60 9.77 9.65
C ASP A 181 14.95 8.99 10.93
N THR A 182 13.99 8.24 11.43
CA THR A 182 14.20 7.49 12.67
C THR A 182 14.29 5.97 12.47
N PRO A 183 15.44 5.39 12.83
CA PRO A 183 15.62 3.94 12.69
C PRO A 183 14.76 3.22 13.73
N VAL A 184 14.13 2.13 13.32
CA VAL A 184 13.29 1.36 14.22
C VAL A 184 14.15 0.57 15.20
N GLU A 185 13.64 0.36 16.41
CA GLU A 185 14.37 -0.38 17.43
C GLU A 185 13.65 -1.68 17.78
N LYS A 186 14.36 -2.59 18.44
CA LYS A 186 13.80 -3.88 18.83
C LYS A 186 13.51 -3.94 20.33
N ARG A 187 12.38 -4.58 20.66
CA ARG A 187 11.99 -4.74 22.05
C ARG A 187 11.26 -6.06 22.23
N GLU A 188 11.18 -6.51 23.48
CA GLU A 188 10.50 -7.75 23.81
C GLU A 188 9.24 -7.39 24.59
N LEU A 189 8.09 -7.66 23.99
CA LEU A 189 6.82 -7.33 24.63
C LEU A 189 5.73 -8.32 24.21
N GLU A 190 4.67 -8.39 25.00
CA GLU A 190 3.55 -9.28 24.68
C GLU A 190 2.53 -8.43 23.92
N GLN A 191 2.26 -8.82 22.67
CA GLN A 191 1.35 -8.06 21.83
C GLN A 191 0.29 -8.90 21.11
N TRP A 192 -0.63 -8.20 20.44
CA TRP A 192 -1.70 -8.85 19.69
C TRP A 192 -1.31 -8.98 18.21
N TYR A 193 -1.58 -10.14 17.63
CA TYR A 193 -1.28 -10.43 16.24
C TYR A 193 -2.47 -10.99 15.49
N LEU A 194 -2.51 -10.73 14.19
CA LEU A 194 -3.55 -11.28 13.32
C LEU A 194 -2.80 -12.30 12.47
N ARG A 195 -3.26 -13.54 12.51
CA ARG A 195 -2.60 -14.63 11.80
C ARG A 195 -2.77 -14.57 10.28
N ILE A 196 -2.22 -13.53 9.67
CA ILE A 196 -2.32 -13.37 8.21
C ILE A 196 -1.58 -14.50 7.47
N THR A 197 -0.60 -15.12 8.12
CA THR A 197 0.14 -16.20 7.46
C THR A 197 -0.76 -17.41 7.16
N ALA A 198 -1.89 -17.53 7.86
CA ALA A 198 -2.79 -18.64 7.59
C ALA A 198 -3.38 -18.49 6.18
N TYR A 199 -3.27 -17.29 5.61
CA TYR A 199 -3.77 -17.01 4.26
C TYR A 199 -2.66 -16.76 3.24
N ALA A 200 -1.42 -16.97 3.65
CA ALA A 200 -0.28 -16.72 2.76
C ALA A 200 -0.38 -17.35 1.36
N GLU A 201 -0.71 -18.63 1.29
CA GLU A 201 -0.79 -19.33 0.01
C GLU A 201 -1.89 -18.74 -0.88
N ARG A 202 -3.07 -18.49 -0.33
CA ARG A 202 -4.17 -17.92 -1.09
C ARG A 202 -3.85 -16.48 -1.54
N LEU A 203 -3.16 -15.73 -0.68
CA LEU A 203 -2.80 -14.35 -1.03
C LEU A 203 -1.85 -14.36 -2.21
N LEU A 204 -0.93 -15.32 -2.19
CA LEU A 204 0.05 -15.46 -3.25
C LEU A 204 -0.58 -15.96 -4.55
N LYS A 205 -1.38 -17.02 -4.45
CA LYS A 205 -2.03 -17.62 -5.61
C LYS A 205 -3.09 -16.75 -6.28
N ASP A 206 -3.90 -16.06 -5.49
CA ASP A 206 -4.97 -15.23 -6.05
C ASP A 206 -4.52 -13.93 -6.73
N LEU A 207 -3.22 -13.69 -6.75
CA LEU A 207 -2.70 -12.49 -7.41
C LEU A 207 -2.81 -12.61 -8.93
N GLU A 208 -2.73 -13.86 -9.41
CA GLU A 208 -2.77 -14.14 -10.84
C GLU A 208 -3.94 -13.57 -11.65
N GLY A 209 -5.15 -13.70 -11.14
CA GLY A 209 -6.29 -13.18 -11.88
C GLY A 209 -6.59 -11.71 -11.68
N LEU A 210 -5.75 -11.02 -10.91
CA LEU A 210 -5.96 -9.61 -10.62
C LEU A 210 -5.49 -8.66 -11.72
N ASN A 211 -6.32 -7.67 -12.03
CA ASN A 211 -5.97 -6.67 -13.03
C ASN A 211 -5.26 -5.56 -12.27
N TRP A 212 -4.06 -5.87 -11.81
CA TRP A 212 -3.21 -4.97 -11.05
C TRP A 212 -1.89 -4.77 -11.78
N PRO A 213 -1.16 -3.70 -11.44
CA PRO A 213 0.13 -3.46 -12.10
C PRO A 213 1.08 -4.59 -11.67
N GLU A 214 1.82 -5.14 -12.62
CA GLU A 214 2.74 -6.23 -12.30
C GLU A 214 3.69 -5.87 -11.17
N LYS A 215 4.11 -4.60 -11.12
CA LYS A 215 5.03 -4.16 -10.08
C LYS A 215 4.47 -4.38 -8.68
N VAL A 216 3.17 -4.16 -8.52
CA VAL A 216 2.56 -4.35 -7.22
C VAL A 216 2.49 -5.84 -6.89
N LYS A 217 2.18 -6.66 -7.90
CA LYS A 217 2.11 -8.10 -7.67
C LYS A 217 3.48 -8.63 -7.24
N ALA A 218 4.52 -8.15 -7.89
CA ALA A 218 5.88 -8.56 -7.58
C ALA A 218 6.27 -8.20 -6.15
N MET A 219 5.88 -7.00 -5.71
CA MET A 219 6.20 -6.59 -4.34
C MET A 219 5.54 -7.49 -3.33
N GLN A 220 4.28 -7.86 -3.57
CA GLN A 220 3.58 -8.72 -2.64
C GLN A 220 4.16 -10.13 -2.65
N ARG A 221 4.50 -10.64 -3.83
CA ARG A 221 5.08 -11.97 -3.93
C ARG A 221 6.39 -12.03 -3.16
N ALA A 222 7.20 -10.99 -3.29
CA ALA A 222 8.49 -10.95 -2.59
C ALA A 222 8.28 -10.78 -1.08
N TRP A 223 7.27 -10.00 -0.70
CA TRP A 223 6.98 -9.80 0.71
C TRP A 223 6.46 -11.09 1.36
N ILE A 224 5.66 -11.86 0.63
CA ILE A 224 5.14 -13.10 1.17
C ILE A 224 6.28 -14.13 1.20
N GLY A 225 7.11 -14.08 0.16
CA GLY A 225 8.27 -14.95 0.07
C GLY A 225 8.13 -16.43 0.37
N ARG A 226 7.39 -17.13 -0.47
CA ARG A 226 7.20 -18.57 -0.31
C ARG A 226 8.55 -19.23 -0.51
N SER A 227 8.85 -20.24 0.29
CA SER A 227 10.13 -20.92 0.17
C SER A 227 10.01 -22.43 0.32
N GLU A 228 10.71 -23.16 -0.55
CA GLU A 228 10.74 -24.62 -0.52
C GLU A 228 11.73 -25.01 0.56
N GLY A 229 11.24 -25.69 1.59
CA GLY A 229 12.12 -26.12 2.66
C GLY A 229 11.93 -27.58 2.99
N ALA A 230 12.52 -28.01 4.10
CA ALA A 230 12.39 -29.40 4.51
C ALA A 230 12.82 -29.63 5.95
N GLU A 231 12.27 -30.69 6.53
CA GLU A 231 12.63 -31.09 7.89
C GLU A 231 13.40 -32.38 7.62
N ILE A 232 14.69 -32.38 7.94
CA ILE A 232 15.53 -33.55 7.69
C ILE A 232 15.89 -34.27 8.98
N LEU A 233 15.84 -35.60 8.95
CA LEU A 233 16.12 -36.42 10.12
C LEU A 233 17.54 -36.95 10.18
N PHE A 234 18.20 -36.74 11.31
CA PHE A 234 19.57 -37.21 11.52
C PHE A 234 19.64 -38.21 12.67
N PRO A 235 19.97 -39.47 12.39
CA PRO A 235 20.08 -40.51 13.42
C PRO A 235 21.26 -40.23 14.35
N VAL A 236 21.05 -40.32 15.65
CA VAL A 236 22.11 -40.10 16.61
C VAL A 236 22.82 -41.44 16.84
N GLU A 237 24.14 -41.43 16.72
CA GLU A 237 24.94 -42.63 16.89
C GLU A 237 24.67 -43.30 18.24
N GLY A 238 24.27 -44.57 18.19
CA GLY A 238 24.01 -45.31 19.41
C GLY A 238 22.71 -44.99 20.13
N LYS A 239 21.91 -44.07 19.58
CA LYS A 239 20.66 -43.71 20.22
C LYS A 239 19.46 -43.94 19.30
N GLU A 240 18.28 -44.05 19.89
CA GLU A 240 17.06 -44.26 19.13
C GLU A 240 16.62 -42.99 18.39
N VAL A 241 16.76 -41.85 19.05
CA VAL A 241 16.33 -40.59 18.47
C VAL A 241 16.97 -40.16 17.16
N ARG A 242 16.16 -39.63 16.27
CA ARG A 242 16.63 -39.08 15.01
C ARG A 242 16.28 -37.60 15.11
N ILE A 243 17.31 -36.76 15.16
CA ILE A 243 17.10 -35.32 15.31
C ILE A 243 16.57 -34.63 14.06
N PRO A 244 15.39 -34.01 14.16
CA PRO A 244 14.78 -33.31 13.03
C PRO A 244 15.32 -31.87 12.99
N VAL A 245 15.74 -31.42 11.81
CA VAL A 245 16.23 -30.05 11.65
C VAL A 245 15.46 -29.43 10.51
N PHE A 246 15.22 -28.13 10.60
CA PHE A 246 14.49 -27.42 9.54
C PHE A 246 15.46 -26.56 8.74
N THR A 247 15.32 -26.59 7.42
CA THR A 247 16.18 -25.78 6.56
C THR A 247 15.50 -25.42 5.25
N THR A 248 15.84 -24.24 4.72
CA THR A 248 15.30 -23.80 3.44
C THR A 248 16.33 -24.14 2.37
N ARG A 249 17.44 -24.75 2.78
CA ARG A 249 18.49 -25.15 1.85
C ARG A 249 18.72 -26.66 1.86
N PRO A 250 17.71 -27.46 1.50
CA PRO A 250 17.87 -28.91 1.49
C PRO A 250 18.84 -29.34 0.39
N ASP A 251 19.10 -28.42 -0.53
CA ASP A 251 20.01 -28.67 -1.64
C ASP A 251 21.47 -28.74 -1.19
N THR A 252 21.73 -28.37 0.06
CA THR A 252 23.09 -28.38 0.60
C THR A 252 23.33 -29.50 1.62
N LEU A 253 22.40 -30.43 1.71
CA LEU A 253 22.49 -31.53 2.68
C LEU A 253 23.81 -32.30 2.69
N PHE A 254 24.36 -32.60 1.52
CA PHE A 254 25.61 -33.34 1.47
C PHE A 254 26.75 -32.53 2.09
N GLY A 255 26.50 -31.25 2.33
CA GLY A 255 27.53 -30.40 2.92
C GLY A 255 27.35 -30.14 4.40
N ALA A 256 26.41 -30.82 5.04
CA ALA A 256 26.19 -30.63 6.47
C ALA A 256 27.29 -31.38 7.21
N THR A 257 28.19 -30.64 7.85
CA THR A 257 29.30 -31.24 8.58
C THR A 257 29.14 -31.33 10.10
N PHE A 258 28.05 -30.77 10.61
CA PHE A 258 27.75 -30.86 12.02
C PHE A 258 26.35 -30.37 12.32
N LEU A 259 25.84 -30.75 13.48
CA LEU A 259 24.52 -30.34 13.91
C LEU A 259 24.67 -29.44 15.11
N VAL A 260 23.73 -28.52 15.28
CA VAL A 260 23.76 -27.62 16.41
C VAL A 260 22.36 -27.52 17.01
N LEU A 261 22.27 -27.80 18.30
CA LEU A 261 21.00 -27.76 19.02
C LEU A 261 20.92 -26.52 19.89
N ALA A 262 19.72 -25.96 20.03
CA ALA A 262 19.54 -24.80 20.87
C ALA A 262 19.87 -25.23 22.30
N PRO A 263 20.44 -24.32 23.10
CA PRO A 263 20.80 -24.65 24.48
C PRO A 263 19.62 -25.22 25.28
N GLU A 264 18.41 -24.77 24.97
CA GLU A 264 17.22 -25.24 25.68
C GLU A 264 16.61 -26.52 25.12
N HIS A 265 17.14 -27.02 24.01
CA HIS A 265 16.63 -28.24 23.41
C HIS A 265 16.83 -29.39 24.41
N PRO A 266 15.80 -30.23 24.59
CA PRO A 266 15.87 -31.36 25.52
C PRO A 266 17.05 -32.29 25.28
N LEU A 267 17.41 -32.49 24.01
CA LEU A 267 18.52 -33.38 23.68
C LEU A 267 19.91 -32.85 24.03
N THR A 268 20.03 -31.55 24.25
CA THR A 268 21.33 -30.96 24.58
C THR A 268 21.94 -31.58 25.82
N LEU A 269 21.15 -31.71 26.88
CA LEU A 269 21.66 -32.31 28.11
C LEU A 269 21.55 -33.83 28.06
N GLU A 270 20.50 -34.32 27.42
CA GLU A 270 20.27 -35.75 27.32
C GLU A 270 21.35 -36.48 26.52
N LEU A 271 21.88 -35.84 25.47
CA LEU A 271 22.90 -36.46 24.65
C LEU A 271 24.31 -36.15 25.09
N ALA A 272 24.45 -35.20 26.02
CA ALA A 272 25.76 -34.82 26.51
C ALA A 272 26.48 -36.01 27.13
N ALA A 273 27.72 -36.23 26.71
CA ALA A 273 28.52 -37.32 27.27
C ALA A 273 28.71 -37.00 28.74
N PRO A 274 28.82 -38.03 29.59
CA PRO A 274 29.00 -37.83 31.04
C PRO A 274 30.07 -36.79 31.39
N GLU A 275 31.24 -36.91 30.76
CA GLU A 275 32.34 -36.00 31.02
C GLU A 275 32.10 -34.58 30.46
N LYS A 276 31.01 -34.40 29.72
CA LYS A 276 30.69 -33.11 29.13
C LYS A 276 29.55 -32.40 29.83
N ARG A 277 28.67 -33.19 30.45
CA ARG A 277 27.50 -32.67 31.14
C ARG A 277 27.72 -31.39 31.94
N GLU A 278 28.80 -31.34 32.70
CA GLU A 278 29.10 -30.18 33.52
C GLU A 278 29.28 -28.93 32.67
N GLU A 279 30.18 -28.99 31.70
CA GLU A 279 30.44 -27.87 30.81
C GLU A 279 29.19 -27.49 30.03
N VAL A 280 28.45 -28.47 29.56
CA VAL A 280 27.23 -28.21 28.79
C VAL A 280 26.16 -27.55 29.67
N LEU A 281 26.01 -28.04 30.90
CA LEU A 281 25.02 -27.48 31.81
C LEU A 281 25.34 -26.02 32.13
N ALA A 282 26.63 -25.70 32.25
CA ALA A 282 27.06 -24.34 32.53
C ALA A 282 26.72 -23.43 31.35
N TYR A 283 26.90 -23.95 30.14
CA TYR A 283 26.62 -23.19 28.94
C TYR A 283 25.12 -22.93 28.78
N VAL A 284 24.32 -23.94 29.06
CA VAL A 284 22.86 -23.84 28.96
C VAL A 284 22.33 -22.77 29.92
N GLU A 285 22.84 -22.77 31.14
CA GLU A 285 22.41 -21.81 32.15
C GLU A 285 22.84 -20.39 31.79
N ALA A 286 24.03 -20.25 31.24
CA ALA A 286 24.55 -18.95 30.84
C ALA A 286 23.72 -18.39 29.68
N ALA A 287 23.19 -19.29 28.87
CA ALA A 287 22.39 -18.89 27.72
C ALA A 287 21.03 -18.38 28.18
N LYS A 288 20.49 -19.00 29.23
CA LYS A 288 19.18 -18.58 29.73
C LYS A 288 19.25 -17.20 30.38
N ARG A 289 20.44 -16.77 30.79
CA ARG A 289 20.60 -15.47 31.42
C ARG A 289 20.50 -14.34 30.42
N LYS A 290 20.76 -14.65 29.15
CA LYS A 290 20.69 -13.65 28.09
C LYS A 290 19.25 -13.40 27.67
N THR A 291 19.03 -12.23 27.09
CA THR A 291 17.72 -11.82 26.61
C THR A 291 17.54 -12.31 25.18
N GLU A 292 16.30 -12.28 24.69
CA GLU A 292 16.02 -12.70 23.33
C GLU A 292 16.86 -11.86 22.37
N ILE A 293 16.90 -10.56 22.61
CA ILE A 293 17.67 -9.65 21.78
C ILE A 293 19.13 -10.08 21.73
N GLU A 294 19.73 -10.24 22.91
CA GLU A 294 21.13 -10.64 22.99
C GLU A 294 21.37 -11.95 22.25
N ARG A 295 20.44 -12.89 22.41
CA ARG A 295 20.62 -14.17 21.74
C ARG A 295 20.49 -14.10 20.24
N GLN A 296 19.58 -13.26 19.75
CA GLN A 296 19.39 -13.14 18.32
C GLN A 296 20.35 -12.13 17.69
N ALA A 297 21.33 -11.68 18.46
CA ALA A 297 22.33 -10.72 17.98
C ALA A 297 22.99 -11.29 16.73
N GLU A 298 23.29 -10.43 15.77
CA GLU A 298 23.86 -10.90 14.51
C GLU A 298 25.34 -10.58 14.29
N GLY A 299 25.94 -9.81 15.19
CA GLY A 299 27.34 -9.47 15.03
C GLY A 299 28.20 -9.77 16.25
N ARG A 300 27.73 -10.68 17.09
CA ARG A 300 28.44 -11.05 18.30
C ARG A 300 29.40 -12.23 18.10
N GLU A 301 30.20 -12.52 19.12
CA GLU A 301 31.17 -13.62 19.07
C GLU A 301 30.52 -15.00 19.08
N LYS A 302 31.21 -15.95 18.43
CA LYS A 302 30.73 -17.33 18.34
C LYS A 302 31.10 -18.18 19.55
N THR A 303 30.11 -18.76 20.20
CA THR A 303 30.34 -19.62 21.35
C THR A 303 29.53 -20.90 21.20
N GLY A 304 29.98 -21.95 21.88
CA GLY A 304 29.26 -23.21 21.81
C GLY A 304 30.06 -24.31 22.49
N VAL A 305 29.42 -25.46 22.67
CA VAL A 305 30.07 -26.60 23.30
C VAL A 305 29.75 -27.90 22.56
N PHE A 306 30.77 -28.72 22.36
CA PHE A 306 30.62 -30.01 21.70
C PHE A 306 30.00 -30.96 22.75
N LEU A 307 28.87 -31.56 22.40
CA LEU A 307 28.17 -32.44 23.33
C LEU A 307 28.86 -33.79 23.54
N GLY A 308 29.73 -34.17 22.62
CA GLY A 308 30.41 -35.45 22.73
C GLY A 308 29.57 -36.57 22.14
N ALA A 309 28.61 -36.18 21.30
CA ALA A 309 27.72 -37.13 20.62
C ALA A 309 27.79 -36.87 19.12
N TYR A 310 27.48 -37.89 18.33
CA TYR A 310 27.52 -37.76 16.88
C TYR A 310 26.22 -38.18 16.22
N ALA A 311 26.02 -37.69 14.99
CA ALA A 311 24.84 -38.02 14.21
C ALA A 311 25.34 -38.47 12.85
N LEU A 312 24.48 -39.16 12.10
CA LEU A 312 24.88 -39.60 10.77
C LEU A 312 24.18 -38.74 9.75
N ASN A 313 24.93 -38.20 8.80
CA ASN A 313 24.33 -37.40 7.74
C ASN A 313 23.60 -38.43 6.88
N PRO A 314 22.27 -38.35 6.78
CA PRO A 314 21.46 -39.30 5.99
C PRO A 314 21.76 -39.37 4.50
N ALA A 315 22.48 -38.38 3.98
CA ALA A 315 22.79 -38.40 2.57
C ALA A 315 24.16 -38.99 2.28
N THR A 316 25.14 -38.64 3.12
CA THR A 316 26.49 -39.13 2.93
C THR A 316 26.76 -40.36 3.77
N GLY A 317 25.94 -40.60 4.77
CA GLY A 317 26.15 -41.74 5.64
C GLY A 317 27.37 -41.52 6.51
N GLU A 318 27.86 -40.28 6.54
CA GLU A 318 29.03 -39.94 7.32
C GLU A 318 28.68 -39.43 8.71
N ARG A 319 29.59 -39.66 9.64
CA ARG A 319 29.46 -39.29 11.04
C ARG A 319 29.79 -37.81 11.23
N ILE A 320 28.91 -37.07 11.92
CA ILE A 320 29.16 -35.65 12.17
C ILE A 320 28.91 -35.30 13.63
N PRO A 321 29.72 -34.39 14.20
CA PRO A 321 29.57 -33.99 15.60
C PRO A 321 28.30 -33.18 15.90
N ILE A 322 27.82 -33.30 17.13
CA ILE A 322 26.64 -32.58 17.57
C ILE A 322 27.07 -31.56 18.62
N TRP A 323 26.72 -30.30 18.38
CA TRP A 323 27.07 -29.20 19.28
C TRP A 323 25.82 -28.45 19.72
N THR A 324 26.02 -27.58 20.70
CA THR A 324 24.96 -26.72 21.17
C THR A 324 25.61 -25.34 21.11
N ALA A 325 24.86 -24.33 20.69
CA ALA A 325 25.38 -22.97 20.57
C ALA A 325 24.18 -22.03 20.67
N ASP A 326 24.34 -20.94 21.42
CA ASP A 326 23.22 -20.01 21.59
C ASP A 326 22.75 -19.25 20.37
N TYR A 327 23.40 -19.42 19.21
CA TYR A 327 22.93 -18.72 18.03
C TYR A 327 21.75 -19.48 17.44
N VAL A 328 21.57 -20.72 17.89
CA VAL A 328 20.46 -21.54 17.43
C VAL A 328 19.34 -21.26 18.43
N LEU A 329 18.18 -20.86 17.93
CA LEU A 329 17.04 -20.53 18.77
C LEU A 329 16.10 -21.72 18.94
N PHE A 330 15.71 -22.00 20.17
CA PHE A 330 14.82 -23.12 20.44
C PHE A 330 13.41 -22.95 19.89
N GLY A 331 12.93 -21.72 19.84
CA GLY A 331 11.59 -21.47 19.35
C GLY A 331 11.42 -21.42 17.84
N TYR A 332 12.52 -21.47 17.10
CA TYR A 332 12.44 -21.41 15.65
C TYR A 332 12.65 -22.79 15.02
N GLY A 333 11.81 -23.14 14.05
CA GLY A 333 11.95 -24.42 13.39
C GLY A 333 11.81 -25.58 14.35
N THR A 334 12.84 -26.42 14.43
CA THR A 334 12.80 -27.57 15.34
C THR A 334 13.73 -27.33 16.52
N GLY A 335 14.36 -26.16 16.56
CA GLY A 335 15.28 -25.86 17.64
C GLY A 335 16.63 -26.52 17.41
N ALA A 336 16.83 -27.02 16.20
CA ALA A 336 18.07 -27.68 15.82
C ALA A 336 18.36 -27.42 14.35
N ILE A 337 19.62 -27.32 14.00
CA ILE A 337 19.99 -27.06 12.62
C ILE A 337 21.09 -27.99 12.13
N MET A 338 21.16 -28.13 10.82
CA MET A 338 22.25 -28.88 10.23
C MET A 338 23.11 -27.69 9.80
N ALA A 339 24.39 -27.72 10.13
CA ALA A 339 25.26 -26.61 9.75
C ALA A 339 25.99 -26.92 8.45
N VAL A 340 25.96 -25.96 7.53
CA VAL A 340 26.62 -26.10 6.23
C VAL A 340 27.52 -24.87 6.08
N PRO A 341 28.71 -24.92 6.70
CA PRO A 341 29.71 -23.84 6.69
C PRO A 341 30.01 -23.27 5.32
N ALA A 342 30.10 -24.14 4.31
CA ALA A 342 30.43 -23.68 2.97
C ALA A 342 29.35 -22.81 2.32
N HIS A 343 28.13 -22.85 2.85
CA HIS A 343 27.05 -22.10 2.23
C HIS A 343 26.18 -21.24 3.13
N ASP A 344 26.64 -21.02 4.36
CA ASP A 344 25.93 -20.18 5.32
C ASP A 344 27.03 -19.49 6.11
N GLN A 345 27.09 -18.16 5.97
CA GLN A 345 28.13 -17.36 6.61
C GLN A 345 28.23 -17.51 8.10
N ARG A 346 27.09 -17.60 8.78
CA ARG A 346 27.15 -17.76 10.23
C ARG A 346 27.75 -19.12 10.57
N ASP A 347 27.38 -20.15 9.81
CA ASP A 347 27.92 -21.49 10.05
C ASP A 347 29.42 -21.47 9.70
N TYR A 348 29.77 -20.72 8.65
CA TYR A 348 31.16 -20.62 8.21
C TYR A 348 32.07 -20.14 9.32
N GLU A 349 31.68 -19.02 9.94
CA GLU A 349 32.46 -18.44 11.02
C GLU A 349 32.54 -19.33 12.24
N PHE A 350 31.45 -20.02 12.54
CA PHE A 350 31.43 -20.92 13.69
C PHE A 350 32.40 -22.06 13.43
N ALA A 351 32.34 -22.62 12.22
CA ALA A 351 33.21 -23.73 11.82
C ALA A 351 34.68 -23.33 11.85
N ARG A 352 34.97 -22.13 11.34
CA ARG A 352 36.34 -21.63 11.31
C ARG A 352 36.88 -21.46 12.73
N LYS A 353 36.04 -20.91 13.62
CA LYS A 353 36.47 -20.70 15.00
C LYS A 353 36.72 -21.99 15.77
N PHE A 354 35.90 -23.01 15.55
CA PHE A 354 36.05 -24.27 16.27
C PHE A 354 36.66 -25.42 15.50
N GLY A 355 37.27 -25.11 14.35
CA GLY A 355 37.92 -26.13 13.55
C GLY A 355 37.02 -27.26 13.06
N LEU A 356 35.85 -26.92 12.56
CA LEU A 356 34.93 -27.91 12.03
C LEU A 356 35.07 -27.98 10.52
N PRO A 357 34.80 -29.15 9.92
CA PRO A 357 34.90 -29.34 8.47
C PRO A 357 34.05 -28.38 7.65
N ILE A 358 34.58 -27.99 6.50
CA ILE A 358 33.88 -27.10 5.59
C ILE A 358 33.84 -27.83 4.25
N LYS A 359 32.65 -28.19 3.80
CA LYS A 359 32.50 -28.92 2.55
C LYS A 359 31.59 -28.24 1.54
N LYS A 360 32.13 -27.98 0.34
CA LYS A 360 31.39 -27.34 -0.73
C LYS A 360 30.52 -28.31 -1.51
N VAL A 361 29.24 -27.98 -1.68
CA VAL A 361 28.36 -28.86 -2.44
C VAL A 361 27.56 -28.09 -3.50
N ILE A 362 27.71 -26.78 -3.50
CA ILE A 362 27.06 -25.93 -4.49
C ILE A 362 28.17 -25.13 -5.16
N GLU A 363 28.39 -25.35 -6.44
CA GLU A 363 29.44 -24.64 -7.17
C GLU A 363 28.90 -23.36 -7.82
N ARG A 364 29.70 -22.31 -7.79
CA ARG A 364 29.31 -21.03 -8.36
C ARG A 364 29.44 -21.04 -9.88
N PRO A 365 28.38 -20.65 -10.60
CA PRO A 365 28.43 -20.63 -12.07
C PRO A 365 29.54 -19.66 -12.52
N GLY A 366 30.17 -19.96 -13.65
CA GLY A 366 31.23 -19.10 -14.14
C GLY A 366 32.53 -19.53 -13.48
N GLU A 367 33.16 -18.61 -12.74
CA GLU A 367 34.40 -18.93 -12.06
C GLU A 367 34.11 -19.75 -10.80
N PRO A 368 34.69 -20.95 -10.71
CA PRO A 368 34.49 -21.84 -9.55
C PRO A 368 34.97 -21.19 -8.26
N LEU A 369 34.43 -21.67 -7.15
CA LEU A 369 34.82 -21.16 -5.84
C LEU A 369 36.26 -21.58 -5.58
N PRO A 370 37.02 -20.72 -4.89
CA PRO A 370 38.42 -21.02 -4.58
C PRO A 370 38.60 -22.04 -3.44
N GLU A 371 39.80 -22.58 -3.36
CA GLU A 371 40.18 -23.55 -2.32
C GLU A 371 41.48 -23.01 -1.75
N PRO A 372 41.51 -22.72 -0.42
CA PRO A 372 40.42 -22.86 0.53
C PRO A 372 39.33 -21.80 0.39
N LEU A 373 38.17 -22.09 0.97
CA LEU A 373 37.03 -21.20 0.92
C LEU A 373 37.23 -20.14 2.02
N GLU A 374 37.25 -18.88 1.63
CA GLU A 374 37.45 -17.77 2.56
C GLU A 374 36.17 -17.21 3.18
N ARG A 375 35.04 -17.54 2.57
CA ARG A 375 33.74 -17.10 3.05
C ARG A 375 32.71 -18.01 2.43
N ALA A 376 31.51 -18.05 2.99
CA ALA A 376 30.49 -18.93 2.45
C ALA A 376 29.92 -18.42 1.13
N TYR A 377 29.50 -19.35 0.29
CA TYR A 377 28.87 -19.02 -0.99
C TYR A 377 27.39 -19.33 -0.75
N GLU A 378 26.57 -18.29 -0.65
CA GLU A 378 25.15 -18.44 -0.35
C GLU A 378 24.17 -18.30 -1.52
N GLU A 379 24.67 -18.04 -2.71
CA GLU A 379 23.80 -17.90 -3.88
C GLU A 379 23.58 -19.22 -4.59
N PRO A 380 22.56 -19.29 -5.46
CA PRO A 380 22.30 -20.54 -6.19
C PRO A 380 23.49 -20.95 -7.06
N GLY A 381 23.54 -22.23 -7.39
CA GLY A 381 24.62 -22.73 -8.23
C GLY A 381 24.33 -24.11 -8.77
N ILE A 382 25.38 -24.90 -8.93
CA ILE A 382 25.25 -26.26 -9.43
C ILE A 382 25.70 -27.22 -8.33
N MET A 383 24.90 -28.24 -8.08
CA MET A 383 25.24 -29.21 -7.04
C MET A 383 26.46 -30.03 -7.41
N VAL A 384 27.35 -30.20 -6.44
CA VAL A 384 28.60 -30.95 -6.63
C VAL A 384 28.87 -31.73 -5.35
N ASN A 385 29.63 -32.82 -5.46
CA ASN A 385 29.92 -33.65 -4.31
C ASN A 385 28.59 -34.02 -3.63
N SER A 386 27.57 -34.21 -4.44
CA SER A 386 26.25 -34.54 -3.93
C SER A 386 25.67 -35.82 -4.55
N GLY A 387 26.52 -36.82 -4.69
CA GLY A 387 26.10 -38.09 -5.25
C GLY A 387 25.39 -37.99 -6.58
N PRO A 388 24.18 -38.57 -6.69
CA PRO A 388 23.38 -38.56 -7.92
C PRO A 388 22.82 -37.19 -8.32
N PHE A 389 22.91 -36.22 -7.42
CA PHE A 389 22.38 -34.88 -7.69
C PHE A 389 23.36 -33.98 -8.44
N ASP A 390 24.64 -34.37 -8.47
CA ASP A 390 25.67 -33.59 -9.15
C ASP A 390 25.20 -33.07 -10.52
N GLY A 391 25.38 -31.77 -10.76
CA GLY A 391 24.98 -31.19 -12.03
C GLY A 391 23.64 -30.50 -12.02
N THR A 392 22.85 -30.74 -10.98
CA THR A 392 21.53 -30.13 -10.85
C THR A 392 21.62 -28.69 -10.37
N GLU A 393 20.78 -27.82 -10.94
CA GLU A 393 20.76 -26.42 -10.53
C GLU A 393 20.18 -26.38 -9.12
N SER A 394 20.78 -25.56 -8.27
CA SER A 394 20.40 -25.40 -6.86
C SER A 394 18.90 -25.43 -6.55
N GLU A 395 18.16 -24.44 -7.04
CA GLU A 395 16.74 -24.36 -6.76
C GLU A 395 15.98 -25.63 -7.10
N GLU A 396 16.18 -26.13 -8.33
CA GLU A 396 15.52 -27.36 -8.74
C GLU A 396 15.99 -28.51 -7.83
N GLY A 397 17.25 -28.44 -7.40
CA GLY A 397 17.79 -29.47 -6.53
C GLY A 397 17.07 -29.55 -5.20
N LYS A 398 16.54 -28.43 -4.72
CA LYS A 398 15.82 -28.44 -3.46
C LYS A 398 14.65 -29.41 -3.58
N ARG A 399 13.91 -29.27 -4.68
CA ARG A 399 12.76 -30.12 -4.94
C ARG A 399 13.16 -31.58 -5.15
N LYS A 400 14.29 -31.80 -5.83
CA LYS A 400 14.74 -33.17 -6.06
C LYS A 400 15.13 -33.86 -4.75
N VAL A 401 15.81 -33.13 -3.87
CA VAL A 401 16.24 -33.67 -2.59
C VAL A 401 15.04 -33.96 -1.68
N ILE A 402 14.08 -33.04 -1.67
CA ILE A 402 12.89 -33.20 -0.86
C ILE A 402 12.13 -34.45 -1.27
N ALA A 403 11.96 -34.64 -2.57
CA ALA A 403 11.26 -35.81 -3.09
C ALA A 403 12.03 -37.06 -2.67
N TRP A 404 13.35 -36.99 -2.79
CA TRP A 404 14.22 -38.10 -2.42
C TRP A 404 14.10 -38.43 -0.93
N LEU A 405 14.09 -37.41 -0.09
CA LEU A 405 13.96 -37.59 1.35
C LEU A 405 12.65 -38.26 1.73
N GLU A 406 11.56 -37.80 1.13
CA GLU A 406 10.24 -38.34 1.43
C GLU A 406 10.13 -39.78 0.98
N GLU A 407 10.68 -40.09 -0.18
CA GLU A 407 10.65 -41.43 -0.71
C GLU A 407 11.43 -42.41 0.17
N LYS A 408 12.56 -41.95 0.70
CA LYS A 408 13.41 -42.79 1.55
C LYS A 408 13.09 -42.73 3.04
N GLY A 409 12.12 -41.91 3.41
CA GLY A 409 11.77 -41.76 4.81
C GLY A 409 12.85 -41.07 5.62
N LEU A 410 13.57 -40.14 5.00
CA LEU A 410 14.66 -39.43 5.69
C LEU A 410 14.29 -37.98 6.03
N GLY A 411 13.09 -37.58 5.64
CA GLY A 411 12.63 -36.22 5.90
C GLY A 411 11.36 -35.92 5.15
N LYS A 412 10.92 -34.68 5.19
CA LYS A 412 9.69 -34.28 4.49
C LYS A 412 9.73 -32.82 4.07
N GLY A 413 9.15 -32.52 2.92
CA GLY A 413 9.11 -31.16 2.43
C GLY A 413 8.31 -30.29 3.37
N ARG A 414 8.73 -29.04 3.51
CA ARG A 414 8.03 -28.10 4.38
C ARG A 414 8.12 -26.69 3.81
N VAL A 415 6.99 -26.20 3.32
CA VAL A 415 6.92 -24.87 2.74
C VAL A 415 6.77 -23.81 3.82
N THR A 416 7.56 -22.75 3.73
CA THR A 416 7.48 -21.65 4.68
C THR A 416 7.35 -20.33 3.94
N TYR A 417 7.09 -19.28 4.71
CA TYR A 417 6.92 -17.95 4.15
C TYR A 417 7.69 -16.93 4.94
N ARG A 418 8.23 -15.95 4.22
CA ARG A 418 8.99 -14.90 4.86
C ARG A 418 7.98 -14.05 5.63
N LEU A 419 6.73 -14.06 5.15
CA LEU A 419 5.65 -13.29 5.77
C LEU A 419 5.49 -13.67 7.23
N ARG A 420 5.35 -12.66 8.09
CA ARG A 420 5.15 -12.89 9.52
C ARG A 420 3.75 -12.42 9.90
N ASP A 421 3.26 -12.85 11.06
CA ASP A 421 1.94 -12.42 11.47
C ASP A 421 1.92 -10.91 11.73
N TRP A 422 0.74 -10.33 11.56
CA TRP A 422 0.52 -8.90 11.68
C TRP A 422 0.32 -8.36 13.09
N LEU A 423 1.33 -7.65 13.61
CA LEU A 423 1.28 -7.06 14.94
C LEU A 423 0.35 -5.84 14.87
N ILE A 424 -0.82 -5.94 15.50
CA ILE A 424 -1.80 -4.87 15.43
C ILE A 424 -2.01 -3.97 16.65
N SER A 425 -1.58 -4.41 17.83
CA SER A 425 -1.76 -3.61 19.04
C SER A 425 -0.79 -2.42 19.07
N ARG A 426 -1.28 -1.28 19.56
CA ARG A 426 -0.46 -0.07 19.64
C ARG A 426 -0.59 0.58 21.02
N GLN A 427 0.51 1.12 21.53
CA GLN A 427 0.50 1.77 22.84
C GLN A 427 0.17 3.23 22.62
N ARG A 428 -0.99 3.46 22.02
CA ARG A 428 -1.45 4.80 21.70
C ARG A 428 -2.90 4.99 22.12
N TYR A 429 -3.28 6.24 22.36
CA TYR A 429 -4.63 6.57 22.77
C TYR A 429 -5.65 6.61 21.63
N TRP A 430 -5.32 7.35 20.57
CA TRP A 430 -6.21 7.53 19.42
C TRP A 430 -6.31 6.31 18.51
N GLY A 431 -7.15 5.37 18.89
CA GLY A 431 -7.33 4.17 18.09
C GLY A 431 -8.40 3.29 18.69
N THR A 432 -8.81 2.27 17.94
CA THR A 432 -9.84 1.35 18.40
C THR A 432 -9.38 0.50 19.58
N PRO A 433 -10.14 0.52 20.68
CA PRO A 433 -9.78 -0.27 21.87
C PRO A 433 -9.95 -1.76 21.55
N ILE A 434 -8.99 -2.57 21.99
CA ILE A 434 -9.08 -4.00 21.74
C ILE A 434 -10.15 -4.57 22.69
N PRO A 435 -11.20 -5.21 22.14
CA PRO A 435 -12.31 -5.79 22.89
C PRO A 435 -12.02 -7.06 23.68
N MET A 436 -11.01 -7.01 24.53
CA MET A 436 -10.63 -8.15 25.35
C MET A 436 -10.46 -7.71 26.81
N VAL A 437 -10.64 -8.66 27.71
CA VAL A 437 -10.49 -8.41 29.13
C VAL A 437 -9.49 -9.40 29.70
N HIS A 438 -8.74 -8.95 30.70
CA HIS A 438 -7.73 -9.79 31.32
C HIS A 438 -8.15 -10.12 32.75
N CYS A 439 -8.56 -11.37 32.95
CA CYS A 439 -8.99 -11.85 34.26
C CYS A 439 -7.85 -12.61 34.93
N GLU A 440 -7.73 -12.44 36.24
CA GLU A 440 -6.68 -13.10 37.00
C GLU A 440 -6.91 -14.61 37.09
N ALA A 441 -8.16 -15.03 36.99
CA ALA A 441 -8.51 -16.44 37.08
C ALA A 441 -8.71 -17.12 35.74
N CYS A 442 -9.43 -16.45 34.84
CA CYS A 442 -9.74 -17.00 33.52
C CYS A 442 -8.69 -16.73 32.44
N GLY A 443 -7.88 -15.70 32.64
CA GLY A 443 -6.88 -15.35 31.66
C GLY A 443 -7.46 -14.32 30.71
N VAL A 444 -7.20 -14.45 29.42
CA VAL A 444 -7.72 -13.52 28.42
C VAL A 444 -9.12 -13.92 28.00
N VAL A 445 -10.09 -13.02 28.22
CA VAL A 445 -11.48 -13.27 27.89
C VAL A 445 -12.05 -12.18 26.97
N PRO A 446 -12.78 -12.59 25.92
CA PRO A 446 -13.36 -11.64 24.96
C PRO A 446 -14.62 -10.93 25.48
N VAL A 447 -14.74 -9.66 25.13
CA VAL A 447 -15.91 -8.90 25.54
C VAL A 447 -17.07 -9.44 24.71
N PRO A 448 -18.25 -9.62 25.32
CA PRO A 448 -19.39 -10.14 24.57
C PRO A 448 -19.79 -9.20 23.42
N GLU A 449 -20.19 -9.80 22.31
CA GLU A 449 -20.59 -9.06 21.12
C GLU A 449 -21.66 -8.00 21.42
N GLU A 450 -22.61 -8.34 22.28
CA GLU A 450 -23.69 -7.42 22.62
C GLU A 450 -23.26 -6.23 23.48
N GLU A 451 -22.02 -6.26 23.99
CA GLU A 451 -21.53 -5.17 24.82
C GLU A 451 -20.76 -4.13 24.00
N LEU A 452 -20.53 -4.44 22.73
CA LEU A 452 -19.81 -3.51 21.88
C LEU A 452 -20.67 -2.27 21.62
N PRO A 453 -20.04 -1.11 21.45
CA PRO A 453 -18.59 -0.95 21.46
C PRO A 453 -17.95 -0.72 22.82
N VAL A 454 -16.65 -0.97 22.88
CA VAL A 454 -15.89 -0.70 24.08
C VAL A 454 -15.41 0.69 23.72
N LEU A 455 -16.09 1.69 24.25
CA LEU A 455 -15.77 3.09 23.96
C LEU A 455 -14.41 3.54 24.43
N LEU A 456 -13.73 4.32 23.60
CA LEU A 456 -12.43 4.87 23.95
C LEU A 456 -12.74 5.92 25.00
N PRO A 457 -11.99 5.92 26.13
CA PRO A 457 -12.27 6.93 27.16
C PRO A 457 -12.04 8.34 26.64
N ASP A 458 -12.94 9.25 26.99
CA ASP A 458 -12.85 10.63 26.54
C ASP A 458 -11.85 11.45 27.34
N LEU A 459 -10.59 11.43 26.93
CA LEU A 459 -9.55 12.18 27.61
C LEU A 459 -9.49 13.56 26.98
N LYS A 460 -9.43 14.60 27.80
CA LYS A 460 -9.36 15.95 27.28
C LYS A 460 -7.98 16.58 27.34
N ASP A 461 -7.16 16.15 28.29
CA ASP A 461 -5.81 16.69 28.42
C ASP A 461 -4.88 16.14 27.35
N VAL A 462 -4.38 17.00 26.49
CA VAL A 462 -3.48 16.59 25.42
C VAL A 462 -2.18 15.99 25.98
N GLU A 463 -1.65 16.59 27.03
CA GLU A 463 -0.43 16.12 27.65
C GLU A 463 -0.65 14.70 28.19
N ASP A 464 -1.91 14.40 28.48
CA ASP A 464 -2.30 13.09 29.00
C ASP A 464 -2.22 12.04 27.90
N ILE A 465 -2.72 12.40 26.72
CA ILE A 465 -2.74 11.53 25.55
C ILE A 465 -1.37 11.27 24.95
N ARG A 466 -0.44 12.20 25.13
CA ARG A 466 0.90 12.05 24.59
C ARG A 466 1.51 10.71 25.03
N PRO A 467 2.02 9.92 24.07
CA PRO A 467 2.63 8.62 24.36
C PRO A 467 4.05 8.71 24.95
N LYS A 468 4.24 8.09 26.10
CA LYS A 468 5.54 8.10 26.78
C LYS A 468 6.21 6.73 26.85
N GLY A 469 5.58 5.71 26.28
CA GLY A 469 6.18 4.38 26.33
C GLY A 469 5.14 3.30 26.54
N LYS A 470 4.12 3.64 27.34
CA LYS A 470 3.03 2.72 27.63
C LYS A 470 1.77 3.33 27.05
N SER A 471 0.71 2.53 26.91
CA SER A 471 -0.53 3.07 26.38
C SER A 471 -1.09 4.09 27.36
N PRO A 472 -1.51 5.25 26.85
CA PRO A 472 -2.08 6.30 27.70
C PRO A 472 -3.24 5.77 28.55
N LEU A 473 -3.88 4.71 28.09
CA LEU A 473 -5.01 4.13 28.81
C LEU A 473 -4.56 3.45 30.11
N GLU A 474 -3.28 3.09 30.19
CA GLU A 474 -2.73 2.43 31.36
C GLU A 474 -2.75 3.35 32.59
N ALA A 475 -3.20 4.58 32.40
CA ALA A 475 -3.27 5.54 33.49
C ALA A 475 -4.70 5.96 33.76
N HIS A 476 -5.66 5.11 33.36
CA HIS A 476 -7.07 5.44 33.56
C HIS A 476 -7.90 4.28 34.06
N PRO A 477 -7.83 4.00 35.38
CA PRO A 477 -8.57 2.92 36.03
C PRO A 477 -10.07 2.99 35.76
N GLU A 478 -10.58 4.20 35.53
CA GLU A 478 -12.00 4.36 35.28
C GLU A 478 -12.35 3.67 33.97
N PHE A 479 -11.32 3.41 33.16
CA PHE A 479 -11.52 2.73 31.89
C PHE A 479 -11.28 1.22 31.98
N TYR A 480 -10.07 0.84 32.36
CA TYR A 480 -9.73 -0.58 32.41
C TYR A 480 -10.32 -1.42 33.53
N GLU A 481 -10.53 -0.84 34.71
CA GLU A 481 -11.11 -1.64 35.80
C GLU A 481 -12.53 -2.04 35.39
N THR A 482 -12.75 -3.35 35.32
CA THR A 482 -14.06 -3.88 34.92
C THR A 482 -14.22 -5.27 35.54
N THR A 483 -15.28 -5.98 35.14
CA THR A 483 -15.50 -7.31 35.66
C THR A 483 -15.38 -8.32 34.52
N CYS A 484 -14.79 -9.46 34.83
CA CYS A 484 -14.62 -10.52 33.84
C CYS A 484 -15.98 -11.04 33.40
N PRO A 485 -16.23 -11.06 32.07
CA PRO A 485 -17.49 -11.55 31.54
C PRO A 485 -17.71 -13.05 31.71
N LYS A 486 -16.65 -13.77 32.03
CA LYS A 486 -16.75 -15.21 32.20
C LYS A 486 -17.10 -15.62 33.64
N CYS A 487 -16.18 -15.35 34.57
CA CYS A 487 -16.40 -15.71 35.97
C CYS A 487 -17.17 -14.64 36.76
N GLY A 488 -17.00 -13.38 36.37
CA GLY A 488 -17.69 -12.31 37.07
C GLY A 488 -16.84 -11.56 38.07
N GLY A 489 -15.61 -12.00 38.29
CA GLY A 489 -14.74 -11.34 39.23
C GLY A 489 -14.11 -10.08 38.67
N PRO A 490 -13.17 -9.46 39.40
CA PRO A 490 -12.49 -8.24 38.94
C PRO A 490 -11.56 -8.55 37.77
N ALA A 491 -11.55 -7.68 36.77
CA ALA A 491 -10.70 -7.88 35.60
C ALA A 491 -10.22 -6.55 35.03
N LYS A 492 -9.26 -6.62 34.12
CA LYS A 492 -8.71 -5.41 33.50
C LYS A 492 -8.87 -5.43 31.98
N ARG A 493 -9.48 -4.39 31.44
CA ARG A 493 -9.67 -4.28 29.99
C ARG A 493 -8.31 -4.14 29.33
N ASP A 494 -8.18 -4.65 28.11
CA ASP A 494 -6.93 -4.51 27.38
C ASP A 494 -6.73 -3.01 27.20
N THR A 495 -5.49 -2.54 27.35
CA THR A 495 -5.20 -1.12 27.24
C THR A 495 -4.53 -0.67 25.95
N ASP A 496 -4.30 -1.60 25.03
CA ASP A 496 -3.68 -1.23 23.75
C ASP A 496 -4.79 -0.99 22.73
N THR A 497 -4.48 -0.26 21.66
CA THR A 497 -5.47 0.01 20.63
C THR A 497 -5.06 -0.59 19.28
N MET A 498 -6.02 -0.69 18.36
CA MET A 498 -5.74 -1.24 17.05
C MET A 498 -5.09 -0.23 16.11
N ASP A 499 -4.10 -0.70 15.35
CA ASP A 499 -3.40 0.14 14.39
C ASP A 499 -4.38 0.67 13.33
N THR A 500 -4.04 1.80 12.74
CA THR A 500 -4.88 2.43 11.73
C THR A 500 -5.22 1.52 10.55
N PHE A 501 -4.30 0.64 10.17
CA PHE A 501 -4.56 -0.24 9.05
C PHE A 501 -5.67 -1.27 9.27
N PHE A 502 -6.12 -1.44 10.51
CA PHE A 502 -7.21 -2.38 10.77
C PHE A 502 -8.46 -1.73 10.18
N ASP A 503 -8.64 -0.45 10.50
CA ASP A 503 -9.79 0.33 10.04
C ASP A 503 -9.90 0.37 8.51
N SER A 504 -8.78 0.61 7.84
CA SER A 504 -8.78 0.73 6.38
C SER A 504 -8.78 -0.59 5.62
N SER A 505 -8.76 -1.71 6.34
CA SER A 505 -8.75 -3.01 5.68
C SER A 505 -10.14 -3.45 5.21
N TRP A 506 -11.18 -2.73 5.61
CA TRP A 506 -12.54 -3.08 5.18
C TRP A 506 -13.45 -1.88 4.96
N TYR A 507 -12.92 -0.66 5.00
CA TYR A 507 -13.76 0.53 4.84
C TYR A 507 -14.58 0.50 3.56
N TYR A 508 -14.00 -0.06 2.49
CA TYR A 508 -14.68 -0.16 1.20
C TYR A 508 -15.95 -1.03 1.29
N LEU A 509 -16.01 -1.91 2.29
CA LEU A 509 -17.21 -2.74 2.46
C LEU A 509 -18.24 -1.94 3.26
N ARG A 510 -17.77 -1.11 4.19
CA ARG A 510 -18.68 -0.30 4.98
C ARG A 510 -19.43 0.69 4.10
N TYR A 511 -18.79 1.16 3.03
CA TYR A 511 -19.43 2.12 2.12
C TYR A 511 -20.70 1.52 1.50
N THR A 512 -20.76 0.20 1.41
CA THR A 512 -21.91 -0.46 0.82
C THR A 512 -23.12 -0.48 1.75
N ASP A 513 -22.89 -0.20 3.04
CA ASP A 513 -23.98 -0.22 4.02
C ASP A 513 -23.46 0.56 5.23
N PRO A 514 -23.19 1.86 5.04
CA PRO A 514 -22.67 2.80 6.03
C PRO A 514 -23.45 3.03 7.32
N HIS A 515 -24.72 2.64 7.36
CA HIS A 515 -25.51 2.89 8.55
C HIS A 515 -26.01 1.66 9.30
N ASN A 516 -25.56 0.48 8.90
CA ASN A 516 -25.99 -0.75 9.56
C ASN A 516 -25.48 -0.75 10.99
N ASP A 517 -26.39 -0.86 11.95
CA ASP A 517 -25.97 -0.89 13.35
C ASP A 517 -26.10 -2.27 13.97
N ARG A 518 -26.22 -3.30 13.12
CA ARG A 518 -26.32 -4.67 13.60
C ARG A 518 -25.20 -5.54 13.07
N LEU A 519 -24.58 -5.11 11.97
CA LEU A 519 -23.48 -5.84 11.34
C LEU A 519 -22.55 -4.87 10.63
N PRO A 520 -21.28 -5.27 10.43
CA PRO A 520 -20.34 -4.38 9.74
C PRO A 520 -20.99 -3.95 8.43
N PHE A 521 -21.78 -4.86 7.87
CA PHE A 521 -22.49 -4.63 6.63
C PHE A 521 -23.36 -5.85 6.30
N ASP A 522 -24.42 -5.63 5.53
CA ASP A 522 -25.33 -6.69 5.11
C ASP A 522 -24.72 -7.32 3.87
N PRO A 523 -24.49 -8.64 3.89
CA PRO A 523 -23.91 -9.37 2.75
C PRO A 523 -24.60 -9.06 1.42
N GLU A 524 -25.92 -8.95 1.45
CA GLU A 524 -26.68 -8.69 0.23
C GLU A 524 -26.27 -7.38 -0.44
N LYS A 525 -26.09 -6.33 0.36
CA LYS A 525 -25.68 -5.03 -0.17
C LYS A 525 -24.24 -5.05 -0.64
N ALA A 526 -23.35 -5.63 0.18
CA ALA A 526 -21.95 -5.69 -0.16
C ALA A 526 -21.75 -6.50 -1.44
N ASN A 527 -22.44 -7.62 -1.54
CA ASN A 527 -22.31 -8.47 -2.72
C ASN A 527 -22.86 -7.85 -4.00
N ALA A 528 -23.76 -6.88 -3.87
CA ALA A 528 -24.31 -6.23 -5.06
C ALA A 528 -23.29 -5.21 -5.61
N TRP A 529 -22.50 -4.61 -4.73
CA TRP A 529 -21.52 -3.62 -5.14
C TRP A 529 -20.09 -4.11 -5.37
N MET A 530 -19.69 -5.13 -4.63
CA MET A 530 -18.33 -5.68 -4.75
C MET A 530 -18.22 -6.52 -6.02
N PRO A 531 -16.99 -6.67 -6.54
CA PRO A 531 -15.77 -6.08 -5.99
C PRO A 531 -15.60 -4.67 -6.54
N VAL A 532 -14.62 -3.95 -6.02
CA VAL A 532 -14.33 -2.61 -6.51
C VAL A 532 -13.88 -2.83 -7.95
N ASP A 533 -14.54 -2.19 -8.91
CA ASP A 533 -14.17 -2.37 -10.30
C ASP A 533 -12.88 -1.64 -10.63
N GLN A 534 -12.69 -0.49 -10.00
CA GLN A 534 -11.47 0.27 -10.22
C GLN A 534 -11.06 0.97 -8.94
N TYR A 535 -9.89 0.60 -8.44
CA TYR A 535 -9.34 1.20 -7.24
C TYR A 535 -8.15 2.05 -7.69
N ILE A 536 -8.07 3.28 -7.19
CA ILE A 536 -6.98 4.18 -7.55
C ILE A 536 -6.28 4.68 -6.29
N GLY A 537 -4.97 4.48 -6.22
CA GLY A 537 -4.22 4.91 -5.05
C GLY A 537 -2.73 4.67 -5.19
N GLY A 538 -1.94 5.26 -4.30
CA GLY A 538 -0.49 5.15 -4.35
C GLY A 538 0.15 3.80 -4.15
N VAL A 539 1.27 3.58 -4.84
CA VAL A 539 2.00 2.32 -4.75
C VAL A 539 2.63 2.10 -3.37
N GLU A 540 2.75 3.19 -2.60
CA GLU A 540 3.34 3.08 -1.27
C GLU A 540 2.57 2.10 -0.36
N HIS A 541 1.38 1.69 -0.79
CA HIS A 541 0.56 0.76 -0.01
C HIS A 541 0.66 -0.69 -0.44
N ALA A 542 1.58 -0.99 -1.37
CA ALA A 542 1.75 -2.34 -1.90
C ALA A 542 1.75 -3.47 -0.88
N VAL A 543 2.53 -3.35 0.21
CA VAL A 543 2.55 -4.41 1.21
C VAL A 543 1.91 -3.99 2.51
N LEU A 544 1.23 -2.85 2.48
CA LEU A 544 0.52 -2.36 3.66
C LEU A 544 -0.97 -2.58 3.37
N HIS A 545 -1.70 -1.49 3.17
CA HIS A 545 -3.13 -1.57 2.90
C HIS A 545 -3.55 -2.56 1.79
N LEU A 546 -2.82 -2.57 0.66
CA LEU A 546 -3.16 -3.47 -0.44
C LEU A 546 -2.96 -4.96 -0.14
N LEU A 547 -2.32 -5.26 0.99
CA LEU A 547 -2.11 -6.65 1.37
C LEU A 547 -3.08 -6.98 2.49
N TYR A 548 -3.15 -6.11 3.49
CA TYR A 548 -4.05 -6.30 4.62
C TYR A 548 -5.50 -6.45 4.18
N SER A 549 -5.91 -5.63 3.22
CA SER A 549 -7.28 -5.67 2.72
C SER A 549 -7.64 -7.00 2.09
N ARG A 550 -6.72 -7.56 1.33
CA ARG A 550 -6.95 -8.85 0.69
C ARG A 550 -7.18 -9.90 1.78
N PHE A 551 -6.44 -9.78 2.88
CA PHE A 551 -6.57 -10.68 4.01
C PHE A 551 -7.96 -10.54 4.64
N PHE A 552 -8.35 -9.31 4.97
CA PHE A 552 -9.67 -9.08 5.59
C PHE A 552 -10.80 -9.61 4.72
N THR A 553 -10.71 -9.38 3.41
CA THR A 553 -11.76 -9.83 2.50
C THR A 553 -11.82 -11.36 2.44
N LYS A 554 -10.67 -12.02 2.39
CA LYS A 554 -10.66 -13.47 2.34
C LYS A 554 -11.24 -14.03 3.64
N PHE A 555 -10.94 -13.39 4.76
CA PHE A 555 -11.47 -13.83 6.03
C PHE A 555 -12.99 -13.65 6.07
N LEU A 556 -13.45 -12.47 5.66
CA LEU A 556 -14.88 -12.18 5.67
C LEU A 556 -15.60 -13.09 4.69
N HIS A 557 -14.92 -13.50 3.64
CA HIS A 557 -15.50 -14.41 2.67
C HIS A 557 -15.67 -15.77 3.37
N ASP A 558 -14.63 -16.21 4.08
CA ASP A 558 -14.71 -17.48 4.79
C ASP A 558 -15.82 -17.44 5.83
N LEU A 559 -16.14 -16.25 6.33
CA LEU A 559 -17.22 -16.11 7.31
C LEU A 559 -18.56 -16.24 6.59
N GLY A 560 -18.55 -16.09 5.28
CA GLY A 560 -19.78 -16.18 4.50
C GLY A 560 -20.48 -14.84 4.32
N MET A 561 -19.75 -13.75 4.52
CA MET A 561 -20.36 -12.43 4.39
C MET A 561 -20.06 -11.76 3.05
N VAL A 562 -19.05 -12.26 2.36
CA VAL A 562 -18.64 -11.69 1.08
C VAL A 562 -18.46 -12.77 0.03
N LYS A 563 -19.09 -12.60 -1.12
CA LYS A 563 -18.99 -13.58 -2.20
C LYS A 563 -17.60 -13.61 -2.85
N VAL A 564 -17.03 -12.46 -3.14
CA VAL A 564 -15.70 -12.40 -3.76
C VAL A 564 -14.59 -12.70 -2.76
N GLU A 565 -13.40 -13.01 -3.27
CA GLU A 565 -12.25 -13.29 -2.41
C GLU A 565 -11.16 -12.25 -2.63
N GLU A 566 -11.40 -11.34 -3.57
CA GLU A 566 -10.48 -10.26 -3.88
C GLU A 566 -11.34 -8.99 -3.87
N PRO A 567 -11.01 -8.02 -3.01
CA PRO A 567 -11.77 -6.77 -2.90
C PRO A 567 -11.67 -5.79 -4.06
N PHE A 568 -10.47 -5.68 -4.64
CA PHE A 568 -10.24 -4.76 -5.74
C PHE A 568 -9.89 -5.53 -7.00
N GLN A 569 -10.84 -5.64 -7.92
CA GLN A 569 -10.61 -6.36 -9.17
C GLN A 569 -9.65 -5.61 -10.09
N GLY A 570 -9.73 -4.29 -10.05
CA GLY A 570 -8.87 -3.47 -10.86
C GLY A 570 -8.16 -2.48 -9.97
N LEU A 571 -6.85 -2.33 -10.15
CA LEU A 571 -6.08 -1.38 -9.35
C LEU A 571 -5.19 -0.58 -10.26
N PHE A 572 -5.18 0.73 -10.04
CA PHE A 572 -4.35 1.62 -10.85
C PHE A 572 -3.55 2.48 -9.87
N THR A 573 -2.22 2.36 -9.90
CA THR A 573 -1.39 3.16 -9.02
C THR A 573 -1.01 4.44 -9.77
N GLN A 574 -1.44 5.59 -9.27
CA GLN A 574 -1.13 6.85 -9.93
C GLN A 574 0.23 7.38 -9.53
N GLY A 575 0.93 7.95 -10.52
CA GLY A 575 2.23 8.52 -10.25
C GLY A 575 2.09 9.75 -9.37
N MET A 576 3.14 10.09 -8.64
CA MET A 576 3.10 11.24 -7.75
C MET A 576 3.18 12.58 -8.50
N VAL A 577 2.52 13.58 -7.93
CA VAL A 577 2.57 14.91 -8.51
C VAL A 577 3.80 15.53 -7.85
N LEU A 578 4.68 16.10 -8.66
CA LEU A 578 5.88 16.75 -8.14
C LEU A 578 5.77 18.26 -8.35
N ALA A 579 6.59 19.02 -7.64
CA ALA A 579 6.61 20.47 -7.76
C ALA A 579 8.05 20.95 -7.75
N TRP A 580 8.38 21.93 -8.58
CA TRP A 580 9.74 22.45 -8.59
C TRP A 580 10.01 22.94 -7.18
N THR A 581 11.12 22.49 -6.59
CA THR A 581 11.48 22.83 -5.23
C THR A 581 12.90 23.38 -5.13
N ASP A 582 13.06 24.44 -4.34
CA ASP A 582 14.37 25.07 -4.15
C ASP A 582 15.12 24.36 -3.04
N PHE A 583 16.28 23.79 -3.37
CA PHE A 583 17.07 23.08 -2.37
C PHE A 583 18.20 23.90 -1.75
N GLY A 584 18.48 25.06 -2.31
CA GLY A 584 19.52 25.90 -1.75
C GLY A 584 20.62 26.31 -2.70
N PRO A 585 21.54 27.16 -2.23
CA PRO A 585 22.66 27.64 -3.05
C PRO A 585 23.70 26.57 -3.33
N VAL A 586 24.43 26.78 -4.43
CA VAL A 586 25.51 25.91 -4.83
C VAL A 586 26.55 26.84 -5.46
N GLU A 587 27.72 26.31 -5.77
CA GLU A 587 28.78 27.08 -6.39
C GLU A 587 29.26 26.26 -7.58
N VAL A 588 29.40 26.91 -8.72
CA VAL A 588 29.84 26.23 -9.92
C VAL A 588 31.25 26.63 -10.34
N GLU A 589 32.05 25.64 -10.68
CA GLU A 589 33.41 25.86 -11.11
C GLU A 589 33.64 24.84 -12.22
N GLY A 590 33.71 25.32 -13.46
CA GLY A 590 33.88 24.40 -14.57
C GLY A 590 32.66 23.51 -14.68
N SER A 591 32.88 22.21 -14.83
CA SER A 591 31.77 21.27 -14.96
C SER A 591 31.32 20.71 -13.60
N VAL A 592 31.94 21.19 -12.52
CA VAL A 592 31.63 20.72 -11.18
C VAL A 592 30.83 21.68 -10.30
N VAL A 593 29.74 21.17 -9.76
CA VAL A 593 28.87 21.94 -8.88
C VAL A 593 29.13 21.51 -7.43
N ARG A 594 29.54 22.46 -6.58
CA ARG A 594 29.80 22.16 -5.18
C ARG A 594 28.54 22.40 -4.37
N LEU A 595 28.20 21.46 -3.50
CA LEU A 595 26.99 21.58 -2.68
C LEU A 595 27.32 21.82 -1.22
N PRO A 596 26.97 23.00 -0.68
CA PRO A 596 27.26 23.23 0.74
C PRO A 596 26.42 22.27 1.57
N GLU A 597 26.85 21.97 2.79
CA GLU A 597 26.15 21.03 3.65
C GLU A 597 24.64 21.18 3.74
N PRO A 598 24.14 22.41 3.97
CA PRO A 598 22.69 22.58 4.06
C PRO A 598 21.97 22.12 2.79
N THR A 599 22.50 22.52 1.64
CA THR A 599 21.92 22.15 0.35
C THR A 599 21.96 20.65 0.12
N ARG A 600 23.12 20.04 0.40
CA ARG A 600 23.28 18.60 0.23
C ARG A 600 22.31 17.84 1.12
N ILE A 601 22.21 18.27 2.37
CA ILE A 601 21.32 17.62 3.32
C ILE A 601 19.85 17.70 2.89
N ARG A 602 19.42 18.84 2.37
CA ARG A 602 18.04 18.96 1.92
C ARG A 602 17.79 18.04 0.73
N LEU A 603 18.79 17.90 -0.15
CA LEU A 603 18.67 17.04 -1.32
C LEU A 603 18.73 15.56 -0.93
N GLU A 604 19.21 15.31 0.28
CA GLU A 604 19.32 13.95 0.79
C GLU A 604 20.17 13.03 -0.09
N ILE A 605 21.33 13.51 -0.49
CA ILE A 605 22.25 12.71 -1.31
C ILE A 605 23.63 12.78 -0.65
N PRO A 606 24.47 11.77 -0.86
CA PRO A 606 25.80 11.75 -0.25
C PRO A 606 26.85 12.62 -0.99
N GLU A 607 26.55 13.01 -2.22
CA GLU A 607 27.49 13.82 -2.99
C GLU A 607 27.65 15.28 -2.53
N SER A 608 28.88 15.74 -2.40
CA SER A 608 29.14 17.12 -2.02
C SER A 608 29.50 17.84 -3.31
N ALA A 609 29.65 17.07 -4.38
CA ALA A 609 29.99 17.60 -5.69
C ALA A 609 29.22 16.85 -6.77
N LEU A 610 28.70 17.59 -7.73
CA LEU A 610 27.95 17.01 -8.84
C LEU A 610 28.41 17.67 -10.14
N SER A 611 28.45 16.90 -11.22
CA SER A 611 28.84 17.50 -12.49
C SER A 611 27.56 18.13 -13.03
N LEU A 612 27.69 19.03 -13.99
CA LEU A 612 26.52 19.65 -14.58
C LEU A 612 25.65 18.58 -15.20
N GLU A 613 26.30 17.51 -15.69
CA GLU A 613 25.56 16.42 -16.30
C GLU A 613 24.73 15.69 -15.25
N ASP A 614 25.28 15.53 -14.05
CA ASP A 614 24.55 14.87 -12.95
C ASP A 614 23.31 15.69 -12.61
N VAL A 615 23.47 17.01 -12.57
CA VAL A 615 22.36 17.90 -12.25
C VAL A 615 21.27 17.73 -13.31
N ARG A 616 21.67 17.74 -14.58
CA ARG A 616 20.71 17.58 -15.67
C ARG A 616 19.99 16.24 -15.56
N LYS A 617 20.77 15.17 -15.38
CA LYS A 617 20.23 13.83 -15.28
C LYS A 617 19.22 13.62 -14.15
N MET A 618 19.42 14.25 -13.00
CA MET A 618 18.47 14.08 -11.91
C MET A 618 17.26 14.99 -12.08
N GLY A 619 17.19 15.69 -13.21
CA GLY A 619 16.07 16.57 -13.48
C GLY A 619 16.11 17.92 -12.79
N ALA A 620 17.29 18.32 -12.34
CA ALA A 620 17.45 19.59 -11.66
C ALA A 620 18.03 20.67 -12.57
N GLU A 621 17.99 21.90 -12.09
CA GLU A 621 18.54 23.02 -12.85
C GLU A 621 19.02 24.07 -11.86
N LEU A 622 19.92 24.93 -12.31
CA LEU A 622 20.45 25.98 -11.45
C LEU A 622 19.80 27.30 -11.86
N ARG A 623 19.22 28.01 -10.90
CA ARG A 623 18.56 29.27 -11.21
C ARG A 623 19.17 30.43 -10.43
N PRO A 624 19.46 31.55 -11.11
CA PRO A 624 20.04 32.71 -10.43
C PRO A 624 19.06 33.16 -9.35
N HIS A 625 19.58 33.50 -8.17
CA HIS A 625 18.73 33.94 -7.07
C HIS A 625 19.07 35.37 -6.70
N GLU A 626 18.11 36.09 -6.13
CA GLU A 626 18.33 37.49 -5.76
C GLU A 626 19.43 37.64 -4.70
N ASP A 627 19.72 36.57 -3.96
CA ASP A 627 20.75 36.64 -2.94
C ASP A 627 22.14 36.64 -3.56
N GLY A 628 22.18 36.77 -4.89
CA GLY A 628 23.45 36.81 -5.61
C GLY A 628 24.09 35.47 -5.92
N THR A 629 23.44 34.37 -5.55
CA THR A 629 24.00 33.06 -5.82
C THR A 629 23.10 32.22 -6.71
N LEU A 630 23.62 31.06 -7.12
CA LEU A 630 22.86 30.12 -7.93
C LEU A 630 22.25 29.10 -6.99
N HIS A 631 20.98 28.80 -7.19
CA HIS A 631 20.30 27.80 -6.37
C HIS A 631 19.96 26.58 -7.21
N LEU A 632 19.95 25.41 -6.56
CA LEU A 632 19.61 24.19 -7.26
C LEU A 632 18.13 23.90 -7.03
N TRP A 633 17.38 23.81 -8.13
CA TRP A 633 15.95 23.52 -8.07
C TRP A 633 15.73 22.15 -8.69
N LYS A 634 14.76 21.43 -8.18
CA LYS A 634 14.47 20.11 -8.70
C LYS A 634 13.05 19.70 -8.33
N PRO A 635 12.35 19.02 -9.24
CA PRO A 635 10.98 18.60 -8.92
C PRO A 635 11.07 17.61 -7.74
N ALA A 636 10.21 17.79 -6.75
CA ALA A 636 10.18 16.91 -5.59
C ALA A 636 8.72 16.58 -5.29
N VAL A 637 8.47 15.40 -4.74
CA VAL A 637 7.10 14.99 -4.43
C VAL A 637 6.36 16.08 -3.67
N MET A 638 5.19 16.45 -4.18
CA MET A 638 4.40 17.49 -3.53
C MET A 638 3.90 17.00 -2.18
N SER A 639 4.32 17.69 -1.12
CA SER A 639 3.91 17.32 0.23
C SER A 639 4.17 18.45 1.22
N LYS A 640 3.54 18.34 2.38
CA LYS A 640 3.67 19.34 3.45
C LYS A 640 5.11 19.45 3.93
N SER A 641 5.70 18.31 4.27
CA SER A 641 7.07 18.27 4.76
C SER A 641 8.03 19.01 3.84
N LYS A 642 7.72 19.00 2.54
CA LYS A 642 8.56 19.67 1.56
C LYS A 642 8.23 21.16 1.41
N GLY A 643 7.04 21.54 1.84
CA GLY A 643 6.64 22.93 1.74
C GLY A 643 6.42 23.38 0.30
N ASN A 644 6.20 22.42 -0.60
CA ASN A 644 5.99 22.72 -2.01
C ASN A 644 4.57 22.39 -2.44
N GLY A 645 3.65 22.30 -1.48
CA GLY A 645 2.29 21.97 -1.82
C GLY A 645 1.51 23.09 -2.50
N VAL A 646 0.69 22.73 -3.48
CA VAL A 646 -0.16 23.70 -4.15
C VAL A 646 -1.53 23.36 -3.59
N MET A 647 -2.05 24.22 -2.73
CA MET A 647 -3.34 24.01 -2.10
C MET A 647 -4.51 24.38 -3.00
N VAL A 648 -5.58 23.61 -2.89
CA VAL A 648 -6.77 23.83 -3.71
C VAL A 648 -7.45 25.18 -3.53
N GLY A 649 -7.81 25.52 -2.29
CA GLY A 649 -8.47 26.78 -2.02
C GLY A 649 -7.88 27.98 -2.75
N PRO A 650 -6.61 28.31 -2.49
CA PRO A 650 -5.93 29.45 -3.12
C PRO A 650 -5.82 29.35 -4.63
N PHE A 651 -5.52 28.15 -5.13
CA PHE A 651 -5.38 28.00 -6.57
C PHE A 651 -6.69 28.22 -7.30
N VAL A 652 -7.75 27.59 -6.81
CA VAL A 652 -9.07 27.68 -7.42
C VAL A 652 -9.64 29.09 -7.35
N LYS A 653 -9.31 29.81 -6.28
CA LYS A 653 -9.78 31.17 -6.11
C LYS A 653 -9.13 32.07 -7.17
N GLU A 654 -7.81 31.93 -7.36
CA GLU A 654 -7.10 32.75 -8.33
C GLU A 654 -7.21 32.24 -9.77
N GLN A 655 -7.38 30.93 -9.93
CA GLN A 655 -7.49 30.34 -11.26
C GLN A 655 -8.85 29.68 -11.43
N GLY A 656 -8.94 28.38 -11.15
CA GLY A 656 -10.22 27.70 -11.28
C GLY A 656 -10.07 26.19 -11.18
N ALA A 657 -11.20 25.50 -10.99
CA ALA A 657 -11.18 24.05 -10.88
C ALA A 657 -10.90 23.35 -12.19
N ASP A 658 -11.59 23.72 -13.27
CA ASP A 658 -11.34 23.06 -14.56
C ASP A 658 -9.90 23.28 -15.00
N ILE A 659 -9.35 24.44 -14.70
CA ILE A 659 -7.97 24.73 -15.06
C ILE A 659 -7.05 23.73 -14.33
N ALA A 660 -7.30 23.54 -13.04
CA ALA A 660 -6.50 22.62 -12.24
C ALA A 660 -6.67 21.17 -12.72
N ARG A 661 -7.92 20.78 -13.01
CA ARG A 661 -8.21 19.43 -13.47
C ARG A 661 -7.51 19.13 -14.79
N ILE A 662 -7.58 20.07 -15.74
CA ILE A 662 -6.92 19.86 -17.03
C ILE A 662 -5.41 19.85 -16.84
N THR A 663 -4.89 20.73 -15.99
CA THR A 663 -3.45 20.77 -15.74
C THR A 663 -2.99 19.38 -15.29
N ILE A 664 -3.70 18.82 -14.32
CA ILE A 664 -3.36 17.50 -13.81
C ILE A 664 -3.51 16.38 -14.85
N LEU A 665 -4.70 16.29 -15.44
CA LEU A 665 -5.01 15.24 -16.40
C LEU A 665 -4.26 15.23 -17.73
N PHE A 666 -3.78 16.37 -18.18
CA PHE A 666 -3.07 16.42 -19.45
C PHE A 666 -1.54 16.37 -19.29
N ALA A 667 -1.06 16.52 -18.06
CA ALA A 667 0.38 16.56 -17.82
C ALA A 667 1.18 15.37 -18.31
N ALA A 668 0.66 14.17 -18.10
CA ALA A 668 1.37 12.95 -18.50
C ALA A 668 0.47 11.76 -18.25
N PRO A 669 0.91 10.55 -18.66
CA PRO A 669 0.05 9.39 -18.40
C PRO A 669 -0.15 9.36 -16.88
N PRO A 670 -1.36 9.06 -16.41
CA PRO A 670 -1.56 9.03 -14.95
C PRO A 670 -0.68 8.10 -14.13
N GLU A 671 -0.21 7.00 -14.72
CA GLU A 671 0.64 6.07 -14.00
C GLU A 671 2.03 6.66 -13.77
N ASN A 672 2.38 7.68 -14.54
CA ASN A 672 3.69 8.31 -14.40
C ASN A 672 3.63 9.49 -13.46
N GLU A 673 4.79 9.96 -13.04
CA GLU A 673 4.85 11.13 -12.18
C GLU A 673 4.65 12.32 -13.10
N MET A 674 4.31 13.46 -12.53
CA MET A 674 4.11 14.66 -13.31
C MET A 674 4.59 15.82 -12.46
N VAL A 675 4.97 16.90 -13.13
CA VAL A 675 5.43 18.07 -12.40
C VAL A 675 4.37 19.15 -12.59
N TRP A 676 3.87 19.69 -11.50
CA TRP A 676 2.90 20.76 -11.57
C TRP A 676 3.71 21.98 -12.02
N THR A 677 3.33 22.59 -13.13
CA THR A 677 4.06 23.77 -13.63
C THR A 677 3.17 24.89 -14.13
N GLU A 678 3.75 26.08 -14.18
CA GLU A 678 3.07 27.27 -14.67
C GLU A 678 2.71 27.05 -16.14
N GLU A 679 3.61 26.40 -16.89
CA GLU A 679 3.35 26.13 -18.31
C GLU A 679 2.12 25.24 -18.45
N GLY A 680 1.96 24.31 -17.52
CA GLY A 680 0.82 23.42 -17.55
C GLY A 680 -0.46 24.20 -17.32
N VAL A 681 -0.44 25.05 -16.30
CA VAL A 681 -1.59 25.87 -15.97
C VAL A 681 -1.97 26.76 -17.16
N GLN A 682 -0.97 27.39 -17.77
CA GLN A 682 -1.22 28.24 -18.92
C GLN A 682 -1.81 27.43 -20.08
N GLY A 683 -1.34 26.20 -20.22
CA GLY A 683 -1.84 25.33 -21.28
C GLY A 683 -3.31 24.99 -21.06
N ALA A 684 -3.70 24.80 -19.79
CA ALA A 684 -5.10 24.48 -19.47
C ALA A 684 -5.96 25.70 -19.81
N TRP A 685 -5.46 26.88 -19.46
CA TRP A 685 -6.16 28.13 -19.74
C TRP A 685 -6.37 28.26 -21.25
N ARG A 686 -5.30 28.08 -22.02
CA ARG A 686 -5.38 28.20 -23.47
C ARG A 686 -6.41 27.25 -24.07
N PHE A 687 -6.46 26.02 -23.57
CA PHE A 687 -7.41 25.03 -24.07
C PHE A 687 -8.85 25.39 -23.73
N LEU A 688 -9.12 25.73 -22.48
CA LEU A 688 -10.48 26.07 -22.08
C LEU A 688 -10.96 27.35 -22.76
N ASN A 689 -10.07 28.33 -22.94
CA ASN A 689 -10.42 29.57 -23.62
C ASN A 689 -10.80 29.28 -25.07
N ARG A 690 -10.06 28.37 -25.69
CA ARG A 690 -10.29 28.00 -27.08
C ARG A 690 -11.63 27.28 -27.27
N ILE A 691 -12.05 26.51 -26.28
CA ILE A 691 -13.32 25.80 -26.34
C ILE A 691 -14.42 26.85 -26.25
N TYR A 692 -14.34 27.68 -25.22
CA TYR A 692 -15.32 28.73 -25.00
C TYR A 692 -15.49 29.66 -26.21
N ARG A 693 -14.37 30.10 -26.78
CA ARG A 693 -14.39 30.99 -27.93
C ARG A 693 -15.08 30.39 -29.17
N ARG A 694 -14.88 29.10 -29.39
CA ARG A 694 -15.49 28.42 -30.53
C ARG A 694 -17.01 28.41 -30.41
N VAL A 695 -17.51 28.07 -29.23
CA VAL A 695 -18.94 28.01 -29.00
C VAL A 695 -19.58 29.40 -28.97
N ALA A 696 -18.92 30.35 -28.33
CA ALA A 696 -19.44 31.72 -28.25
C ALA A 696 -19.52 32.34 -29.64
N GLU A 697 -18.51 32.08 -30.46
CA GLU A 697 -18.49 32.62 -31.81
C GLU A 697 -19.70 32.10 -32.61
N ASP A 698 -20.08 30.86 -32.38
CA ASP A 698 -21.19 30.26 -33.11
C ASP A 698 -22.51 30.16 -32.36
N ARG A 699 -22.54 30.68 -31.14
CA ARG A 699 -23.73 30.61 -30.29
C ARG A 699 -25.03 31.00 -30.99
N GLU A 700 -25.03 32.17 -31.62
CA GLU A 700 -26.22 32.68 -32.29
C GLU A 700 -26.67 31.74 -33.41
N ALA A 701 -25.76 31.37 -34.29
CA ALA A 701 -26.12 30.47 -35.39
C ALA A 701 -26.56 29.11 -34.86
N LEU A 702 -25.87 28.59 -33.86
CA LEU A 702 -26.21 27.30 -33.27
C LEU A 702 -27.64 27.27 -32.73
N LEU A 703 -28.06 28.37 -32.10
CA LEU A 703 -29.40 28.47 -31.54
C LEU A 703 -30.50 28.37 -32.60
N GLU A 704 -30.21 28.83 -33.81
CA GLU A 704 -31.18 28.77 -34.89
C GLU A 704 -30.98 27.56 -35.81
N THR A 705 -30.17 26.60 -35.36
CA THR A 705 -29.89 25.40 -36.14
C THR A 705 -30.41 24.12 -35.51
N SER A 706 -30.94 23.22 -36.34
CA SER A 706 -31.44 21.94 -35.85
C SER A 706 -30.27 20.97 -35.86
N GLY A 707 -30.31 19.95 -35.01
CA GLY A 707 -29.22 18.99 -34.97
C GLY A 707 -29.54 17.72 -35.74
N VAL A 708 -30.71 17.69 -36.38
CA VAL A 708 -31.13 16.53 -37.16
C VAL A 708 -30.58 16.52 -38.57
N PHE A 709 -30.05 15.38 -38.99
CA PHE A 709 -29.50 15.22 -40.34
C PHE A 709 -29.34 13.71 -40.64
N GLN A 710 -29.13 13.46 -41.92
CA GLN A 710 -28.96 12.10 -42.47
C GLN A 710 -27.48 11.92 -42.85
N ALA A 711 -26.77 11.17 -42.01
CA ALA A 711 -25.32 10.91 -42.16
C ALA A 711 -24.99 10.54 -43.61
N GLU A 712 -25.69 9.54 -44.14
CA GLU A 712 -25.45 9.08 -45.50
C GLU A 712 -25.56 10.18 -46.55
N ALA A 713 -26.34 11.21 -46.27
CA ALA A 713 -26.52 12.32 -47.21
C ALA A 713 -25.44 13.40 -47.10
N LEU A 714 -24.57 13.31 -46.11
CA LEU A 714 -23.51 14.32 -45.96
C LEU A 714 -22.44 14.16 -47.02
N GLU A 715 -21.79 15.27 -47.38
CA GLU A 715 -20.72 15.25 -48.37
C GLU A 715 -19.68 16.30 -48.05
N GLY A 716 -18.52 16.20 -48.71
CA GLY A 716 -17.45 17.16 -48.49
C GLY A 716 -17.01 17.26 -47.04
N LYS A 717 -16.73 18.48 -46.60
CA LYS A 717 -16.28 18.69 -45.22
C LYS A 717 -17.28 18.20 -44.18
N ASP A 718 -18.57 18.22 -44.50
CA ASP A 718 -19.57 17.77 -43.54
C ASP A 718 -19.37 16.29 -43.23
N ARG A 719 -19.17 15.49 -44.27
CA ARG A 719 -18.97 14.06 -44.11
C ARG A 719 -17.65 13.77 -43.39
N GLU A 720 -16.63 14.56 -43.72
CA GLU A 720 -15.32 14.42 -43.09
C GLU A 720 -15.41 14.71 -41.59
N LEU A 721 -16.18 15.72 -41.22
CA LEU A 721 -16.32 16.10 -39.81
C LEU A 721 -17.03 14.99 -39.02
N TYR A 722 -18.04 14.41 -39.64
CA TYR A 722 -18.81 13.33 -39.02
C TYR A 722 -17.89 12.15 -38.69
N GLY A 723 -16.99 11.84 -39.61
CA GLY A 723 -16.06 10.75 -39.40
C GLY A 723 -15.09 11.06 -38.27
N LYS A 724 -14.55 12.28 -38.28
CA LYS A 724 -13.61 12.70 -37.25
C LYS A 724 -14.29 12.69 -35.89
N LEU A 725 -15.56 13.08 -35.88
CA LEU A 725 -16.33 13.11 -34.66
C LEU A 725 -16.39 11.71 -34.07
N HIS A 726 -16.81 10.74 -34.87
CA HIS A 726 -16.90 9.39 -34.32
C HIS A 726 -15.56 8.74 -34.04
N GLU A 727 -14.52 9.15 -34.77
CA GLU A 727 -13.19 8.61 -34.51
C GLU A 727 -12.75 9.15 -33.14
N THR A 728 -13.09 10.41 -32.86
CA THR A 728 -12.74 11.04 -31.59
C THR A 728 -13.50 10.38 -30.44
N LEU A 729 -14.78 10.11 -30.65
CA LEU A 729 -15.62 9.48 -29.63
C LEU A 729 -15.06 8.11 -29.27
N LYS A 730 -14.64 7.34 -30.28
CA LYS A 730 -14.09 6.01 -30.02
C LYS A 730 -12.81 6.12 -29.20
N LYS A 731 -11.93 7.01 -29.61
CA LYS A 731 -10.65 7.22 -28.93
C LYS A 731 -10.83 7.67 -27.48
N VAL A 732 -11.72 8.64 -27.27
CA VAL A 732 -11.98 9.16 -25.93
C VAL A 732 -12.62 8.12 -25.01
N THR A 733 -13.59 7.37 -25.53
CA THR A 733 -14.28 6.35 -24.75
C THR A 733 -13.32 5.25 -24.30
N GLU A 734 -12.52 4.76 -25.26
CA GLU A 734 -11.56 3.69 -24.93
C GLU A 734 -10.48 4.18 -23.99
N ASP A 735 -10.03 5.42 -24.19
CA ASP A 735 -9.00 5.98 -23.33
C ASP A 735 -9.53 6.13 -21.91
N LEU A 736 -10.78 6.56 -21.78
CA LEU A 736 -11.38 6.72 -20.46
C LEU A 736 -11.47 5.36 -19.77
N GLU A 737 -11.89 4.33 -20.49
CA GLU A 737 -12.00 2.99 -19.91
C GLU A 737 -10.65 2.45 -19.44
N ALA A 738 -9.57 2.87 -20.09
CA ALA A 738 -8.23 2.41 -19.73
C ALA A 738 -7.51 3.43 -18.86
N LEU A 739 -8.21 4.47 -18.45
CA LEU A 739 -7.62 5.51 -17.62
C LEU A 739 -6.44 6.20 -18.31
N ARG A 740 -6.53 6.36 -19.62
CA ARG A 740 -5.49 7.07 -20.38
C ARG A 740 -6.06 8.48 -20.56
N PHE A 741 -6.22 9.19 -19.44
CA PHE A 741 -6.81 10.52 -19.45
C PHE A 741 -6.08 11.60 -20.24
N ASN A 742 -4.75 11.55 -20.26
CA ASN A 742 -4.02 12.57 -21.00
C ASN A 742 -4.21 12.47 -22.50
N THR A 743 -4.31 11.24 -23.02
CA THR A 743 -4.49 11.10 -24.46
C THR A 743 -5.93 11.32 -24.85
N ALA A 744 -6.85 11.17 -23.89
CA ALA A 744 -8.26 11.42 -24.18
C ALA A 744 -8.37 12.93 -24.40
N ILE A 745 -7.67 13.70 -23.57
CA ILE A 745 -7.68 15.14 -23.68
C ILE A 745 -6.99 15.57 -24.97
N ALA A 746 -5.88 14.92 -25.29
CA ALA A 746 -5.17 15.25 -26.52
C ALA A 746 -6.12 15.02 -27.70
N ALA A 747 -6.96 14.01 -27.61
CA ALA A 747 -7.91 13.72 -28.69
C ALA A 747 -8.97 14.83 -28.79
N LEU A 748 -9.38 15.38 -27.64
CA LEU A 748 -10.35 16.46 -27.65
C LEU A 748 -9.72 17.74 -28.16
N MET A 749 -8.43 17.92 -27.90
CA MET A 749 -7.71 19.10 -28.39
C MET A 749 -7.59 19.01 -29.91
N GLU A 750 -7.32 17.82 -30.40
CA GLU A 750 -7.18 17.58 -31.83
C GLU A 750 -8.52 17.84 -32.52
N PHE A 751 -9.60 17.30 -31.96
CA PHE A 751 -10.89 17.48 -32.56
C PHE A 751 -11.33 18.94 -32.53
N LEU A 752 -10.94 19.67 -31.48
CA LEU A 752 -11.30 21.07 -31.39
C LEU A 752 -10.62 21.82 -32.54
N ASN A 753 -9.41 21.39 -32.91
CA ASN A 753 -8.70 22.00 -34.03
C ASN A 753 -9.48 21.73 -35.32
N ALA A 754 -10.04 20.52 -35.42
CA ALA A 754 -10.83 20.15 -36.59
C ALA A 754 -12.10 21.00 -36.67
N LEU A 755 -12.63 21.40 -35.51
CA LEU A 755 -13.83 22.24 -35.50
C LEU A 755 -13.49 23.61 -36.06
N TYR A 756 -12.36 24.17 -35.62
CA TYR A 756 -11.92 25.48 -36.14
C TYR A 756 -11.66 25.37 -37.64
N GLU A 757 -10.95 24.34 -38.06
CA GLU A 757 -10.64 24.14 -39.48
C GLU A 757 -11.93 24.02 -40.29
N TYR A 758 -12.87 23.24 -39.76
CA TYR A 758 -14.15 23.04 -40.42
C TYR A 758 -14.87 24.37 -40.66
N ARG A 759 -14.90 25.22 -39.65
CA ARG A 759 -15.59 26.50 -39.75
C ARG A 759 -14.92 27.49 -40.70
N LYS A 760 -13.70 27.18 -41.15
CA LYS A 760 -13.05 28.06 -42.10
C LYS A 760 -13.71 27.88 -43.46
N ASP A 761 -14.29 26.71 -43.69
CA ASP A 761 -14.96 26.41 -44.97
C ASP A 761 -16.48 26.31 -44.90
N ARG A 762 -16.98 25.80 -43.78
CA ARG A 762 -18.41 25.58 -43.62
C ARG A 762 -19.06 26.43 -42.54
N PRO A 763 -20.36 26.72 -42.70
CA PRO A 763 -21.09 27.53 -41.72
C PRO A 763 -21.55 26.58 -40.61
N VAL A 764 -22.32 27.11 -39.66
CA VAL A 764 -22.84 26.27 -38.59
C VAL A 764 -23.92 25.41 -39.23
N THR A 765 -23.74 24.09 -39.17
CA THR A 765 -24.68 23.15 -39.78
C THR A 765 -25.22 22.17 -38.74
N PRO A 766 -26.23 21.36 -39.14
CA PRO A 766 -26.79 20.38 -38.20
C PRO A 766 -25.73 19.41 -37.70
N VAL A 767 -24.87 18.96 -38.60
CA VAL A 767 -23.81 18.03 -38.21
C VAL A 767 -22.83 18.75 -37.28
N TYR A 768 -22.60 20.03 -37.52
CA TYR A 768 -21.70 20.80 -36.67
C TYR A 768 -22.34 20.96 -35.29
N ARG A 769 -23.65 21.23 -35.25
CA ARG A 769 -24.34 21.37 -33.99
C ARG A 769 -24.22 20.07 -33.20
N THR A 770 -24.40 18.95 -33.88
CA THR A 770 -24.28 17.65 -33.21
C THR A 770 -22.85 17.41 -32.74
N ALA A 771 -21.86 17.92 -33.49
CA ALA A 771 -20.46 17.76 -33.10
C ALA A 771 -20.23 18.53 -31.79
N ILE A 772 -20.81 19.72 -31.69
CA ILE A 772 -20.67 20.54 -30.51
C ILE A 772 -21.32 19.85 -29.33
N ARG A 773 -22.49 19.25 -29.56
CA ARG A 773 -23.21 18.54 -28.51
C ARG A 773 -22.36 17.38 -27.97
N TYR A 774 -21.83 16.55 -28.86
CA TYR A 774 -21.00 15.42 -28.47
C TYR A 774 -19.71 15.89 -27.79
N TYR A 775 -19.18 17.01 -28.25
CA TYR A 775 -17.95 17.55 -27.68
C TYR A 775 -18.15 17.89 -26.21
N LEU A 776 -19.24 18.58 -25.90
CA LEU A 776 -19.53 18.96 -24.52
C LEU A 776 -19.72 17.71 -23.65
N GLN A 777 -20.35 16.68 -24.21
CA GLN A 777 -20.56 15.45 -23.47
C GLN A 777 -19.24 14.76 -23.15
N MET A 778 -18.35 14.69 -24.15
CA MET A 778 -17.03 14.07 -23.98
C MET A 778 -16.14 14.90 -23.08
N LEU A 779 -16.40 16.20 -23.02
CA LEU A 779 -15.62 17.11 -22.18
C LEU A 779 -16.04 17.05 -20.71
N PHE A 780 -17.30 16.69 -20.46
CA PHE A 780 -17.85 16.65 -19.11
C PHE A 780 -17.00 15.99 -18.04
N PRO A 781 -16.51 14.77 -18.29
CA PRO A 781 -15.70 14.12 -17.25
C PRO A 781 -14.45 14.92 -16.86
N PHE A 782 -13.87 15.61 -17.82
CA PHE A 782 -12.63 16.36 -17.62
C PHE A 782 -12.80 17.78 -17.06
N ALA A 783 -13.59 18.59 -17.74
CA ALA A 783 -13.86 19.97 -17.32
C ALA A 783 -15.38 20.11 -17.24
N PRO A 784 -15.98 19.50 -16.20
CA PRO A 784 -17.44 19.52 -15.99
C PRO A 784 -18.12 20.88 -15.87
N HIS A 785 -17.46 21.83 -15.21
CA HIS A 785 -18.07 23.15 -15.03
C HIS A 785 -18.29 23.88 -16.35
N LEU A 786 -17.24 23.97 -17.17
CA LEU A 786 -17.36 24.65 -18.45
C LEU A 786 -18.32 23.89 -19.39
N ALA A 787 -18.23 22.56 -19.39
CA ALA A 787 -19.09 21.75 -20.26
C ALA A 787 -20.56 21.98 -19.90
N GLU A 788 -20.86 21.97 -18.61
CA GLU A 788 -22.22 22.17 -18.13
C GLU A 788 -22.68 23.60 -18.47
N GLU A 789 -21.79 24.57 -18.32
CA GLU A 789 -22.12 25.96 -18.62
C GLU A 789 -22.52 26.16 -20.08
N LEU A 790 -21.67 25.70 -20.99
CA LEU A 790 -21.92 25.83 -22.41
C LEU A 790 -23.14 25.01 -22.84
N TRP A 791 -23.28 23.83 -22.23
CA TRP A 791 -24.40 22.95 -22.53
C TRP A 791 -25.73 23.66 -22.32
N HIS A 792 -25.82 24.44 -21.24
CA HIS A 792 -27.06 25.16 -20.94
C HIS A 792 -27.37 26.34 -21.84
N TRP A 793 -26.45 26.69 -22.73
CA TRP A 793 -26.70 27.79 -23.66
C TRP A 793 -27.65 27.27 -24.75
N PHE A 794 -27.70 25.95 -24.91
CA PHE A 794 -28.51 25.35 -25.97
C PHE A 794 -29.52 24.31 -25.55
N TRP A 795 -29.25 23.58 -24.47
CA TRP A 795 -30.15 22.51 -24.04
C TRP A 795 -30.66 22.71 -22.61
N PRO A 796 -31.85 22.16 -22.31
CA PRO A 796 -32.52 22.24 -21.01
C PRO A 796 -31.99 21.38 -19.87
N ASP A 797 -31.67 20.13 -20.15
CA ASP A 797 -31.18 19.22 -19.11
C ASP A 797 -29.69 19.34 -18.73
N SER A 798 -29.25 18.48 -17.81
CA SER A 798 -27.86 18.46 -17.35
C SER A 798 -27.08 17.44 -18.16
N LEU A 799 -25.77 17.58 -18.21
CA LEU A 799 -24.95 16.62 -18.95
C LEU A 799 -25.07 15.22 -18.32
N PHE A 800 -25.40 15.15 -17.03
CA PHE A 800 -25.58 13.86 -16.37
C PHE A 800 -26.80 13.14 -16.93
N GLU A 801 -27.75 13.91 -17.46
CA GLU A 801 -28.98 13.34 -17.99
C GLU A 801 -28.98 13.07 -19.49
N ALA A 802 -28.03 13.65 -20.22
CA ALA A 802 -27.97 13.44 -21.66
C ALA A 802 -27.27 12.14 -22.03
N GLY A 803 -26.62 11.51 -21.06
CA GLY A 803 -25.94 10.26 -21.33
C GLY A 803 -24.63 10.39 -22.09
N TRP A 804 -24.11 9.27 -22.56
CA TRP A 804 -22.87 9.24 -23.31
C TRP A 804 -23.20 9.03 -24.79
N PRO A 805 -22.56 9.81 -25.69
CA PRO A 805 -22.80 9.70 -27.13
C PRO A 805 -22.67 8.28 -27.68
N GLU A 806 -23.56 7.94 -28.60
CA GLU A 806 -23.55 6.61 -29.20
C GLU A 806 -22.62 6.61 -30.41
N LEU A 807 -21.70 5.64 -30.45
CA LEU A 807 -20.75 5.53 -31.53
C LEU A 807 -21.34 4.95 -32.81
N ASP A 808 -20.94 5.52 -33.95
CA ASP A 808 -21.40 5.07 -35.26
C ASP A 808 -20.25 4.31 -35.89
N GLU A 809 -20.30 2.98 -35.77
CA GLU A 809 -19.27 2.10 -36.32
C GLU A 809 -18.97 2.35 -37.79
N LYS A 810 -20.03 2.44 -38.60
CA LYS A 810 -19.87 2.65 -40.03
C LYS A 810 -19.10 3.92 -40.37
N ALA A 811 -19.25 4.94 -39.53
CA ALA A 811 -18.55 6.20 -39.74
C ALA A 811 -17.04 6.01 -39.63
N LEU A 812 -16.62 4.90 -39.05
CA LEU A 812 -15.19 4.63 -38.87
C LEU A 812 -14.53 4.00 -40.08
N GLU A 813 -15.31 3.29 -40.90
CA GLU A 813 -14.80 2.63 -42.09
C GLU A 813 -14.18 3.62 -43.07
N LYS A 814 -12.93 3.36 -43.46
CA LYS A 814 -12.20 4.22 -44.39
C LYS A 814 -11.99 5.62 -43.81
#